data_8VLR
#
_entry.id   8VLR
#
loop_
_entity.id
_entity.type
_entity.pdbx_description
1 polymer 'Histone H3.1'
2 polymer 'Histone H4'
3 polymer 'Histone H2A type 1-B/E'
4 polymer 'Histone H2B type 1-A'
5 polymer 'DNA (136-MER)'
6 polymer 'DNA (136-MER)'
#
loop_
_entity_poly.entity_id
_entity_poly.type
_entity_poly.pdbx_seq_one_letter_code
_entity_poly.pdbx_strand_id
1 'polypeptide(L)'
;PHRYRPGTVALREIRRYQKSTELLIRKLPFQRLVREIAQDFKTDLRFQSSAVMALQEACEAYLVGLFEDTNLCAIHAKRV
TIMPKDIQLARRIRGERA
;
A,E
2 'polypeptide(L)'
;RKVLRDNIQGITKPAIRRLARRGGVKRISGLIYEETRGVLKVFLENVIRDAVTYTEHAKRKTVTAMDVVYALKRQGRTLY
GFGG
;
B,F
3 'polypeptide(L)'
;RAKAKTRSSRAGLQFPVGRVHRLLRKGNYSERVGAGAPVYLAAVLEYLTAEILELAGNAARDNKKTRIIPRHLQLAIRND
EELNKLLGRVTIAQGGVLPNIQAVLLPK
;
C,G
4 'polypeptide(L)'
;TRKESYSIYIYKVLKQVHPDTGISSKAMSIMNSFVTDIFERIASEASRLAHYSKRSTISSREIQTAVRLLLPGELAKHAV
SEGTKAVTKYTSS
;
D,H
5 'polydeoxyribonucleotide'
;(DT)(DC)(DT)(DC)(DT)(DG)(DC)(DC)(DT)(DG)(DT)(DT)(DC)(DT)(DT)(DC)(DC)(DA)(DA)(DA)
(DA)(DG)(DT)(DG)(DT)(DA)(DT)(DT)(DT)(DA)(DG)(DA)(DA)(DA)(DC)(DT)(DG)(DC)(DT)(DC)
(DC)(DA)(DA)(DC)(DA)(DA)(DA)(DA)(DG)(DG)(DC)(DA)(DG)(DG)(DT)(DT)(DC)(DA)(DG)(DC)
(DT)(DG)(DA)(DA)(DT)(DT)(DC)(DA)(DG)(DC)(DT)(DG)(DA)(DA)(DC)(DC)(DT)(DG)(DC)(DC)
(DT)(DT)(DT)(DT)(DG)(DA)(DT)(DG)(DG)(DA)(DG)(DC)(DA)(DG)(DT)(DT)(DA)(DC)(DC)(DA)
(DA)(DA)(DT)(DA)(DC)(DA)(DC)(DT)(DT)(DT)(DT)(DG)(DG)(DT)(DA)(DG)(DA)(DA)(DT)(DC)
(DT)(DG)(DG)(DT)(DG)(DC)(DT)(DC)(DC)(DA)(DT)(DT)(DA)(DT)(DG)(DA)
;
K
6 'polydeoxyribonucleotide'
;(DT)(DC)(DA)(DT)(DA)(DA)(DT)(DG)(DG)(DA)(DG)(DC)(DA)(DC)(DC)(DA)(DG)(DA)(DT)(DT)
(DC)(DT)(DA)(DC)(DC)(DA)(DA)(DA)(DA)(DG)(DT)(DG)(DT)(DA)(DT)(DT)(DT)(DG)(DG)(DT)
(DA)(DA)(DC)(DT)(DG)(DC)(DT)(DC)(DC)(DA)(DT)(DC)(DA)(DA)(DA)(DA)(DG)(DG)(DC)(DA)
(DG)(DG)(DT)(DT)(DC)(DA)(DG)(DC)(DT)(DG)(DA)(DA)(DT)(DT)(DC)(DA)(DG)(DC)(DT)(DG)
(DA)(DA)(DC)(DC)(DT)(DG)(DC)(DC)(DT)(DT)(DT)(DT)(DG)(DT)(DT)(DG)(DG)(DA)(DG)(DC)
(DA)(DG)(DT)(DT)(DT)(DC)(DT)(DA)(DA)(DA)(DT)(DA)(DC)(DA)(DC)(DT)(DT)(DT)(DT)(DG)
(DG)(DA)(DA)(DG)(DA)(DA)(DC)(DA)(DG)(DG)(DC)(DA)(DG)(DA)(DG)(DA)
;
L
#
loop_
_chem_comp.id
_chem_comp.type
_chem_comp.name
_chem_comp.formula
DA DNA linking 2'-DEOXYADENOSINE-5'-MONOPHOSPHATE 'C10 H14 N5 O6 P'
DC DNA linking 2'-DEOXYCYTIDINE-5'-MONOPHOSPHATE 'C9 H14 N3 O7 P'
DG DNA linking 2'-DEOXYGUANOSINE-5'-MONOPHOSPHATE 'C10 H14 N5 O7 P'
DT DNA linking THYMIDINE-5'-MONOPHOSPHATE 'C10 H15 N2 O8 P'
#
# COMPACT_ATOMS: atom_id res chain seq x y z
N PRO A 1 -6.15 -48.40 -25.28
CA PRO A 1 -7.01 -47.22 -25.18
C PRO A 1 -6.25 -45.91 -25.39
N HIS A 2 -6.98 -44.82 -25.57
CA HIS A 2 -6.34 -43.53 -25.81
C HIS A 2 -5.74 -42.99 -24.51
N ARG A 3 -4.54 -42.43 -24.62
CA ARG A 3 -3.88 -41.76 -23.52
C ARG A 3 -3.30 -40.45 -24.03
N TYR A 4 -3.64 -39.36 -23.35
CA TYR A 4 -2.95 -38.11 -23.59
C TYR A 4 -1.65 -38.08 -22.81
N ARG A 5 -0.60 -37.56 -23.43
CA ARG A 5 0.65 -37.50 -22.71
C ARG A 5 0.59 -36.45 -21.61
N PRO A 6 1.42 -36.59 -20.57
CA PRO A 6 1.37 -35.65 -19.46
C PRO A 6 1.60 -34.21 -19.91
N GLY A 7 0.83 -33.29 -19.35
CA GLY A 7 0.90 -31.90 -19.71
C GLY A 7 -0.07 -31.48 -20.78
N THR A 8 -0.61 -32.43 -21.55
CA THR A 8 -1.59 -32.10 -22.56
C THR A 8 -2.92 -31.72 -21.93
N VAL A 9 -3.41 -32.54 -21.01
CA VAL A 9 -4.61 -32.20 -20.28
C VAL A 9 -4.35 -31.04 -19.34
N ALA A 10 -3.15 -30.93 -18.81
CA ALA A 10 -2.80 -29.80 -17.95
C ALA A 10 -2.89 -28.49 -18.70
N LEU A 11 -2.40 -28.45 -19.94
CA LEU A 11 -2.51 -27.25 -20.75
C LEU A 11 -3.96 -26.98 -21.16
N ARG A 12 -4.70 -28.04 -21.51
CA ARG A 12 -6.13 -27.88 -21.74
C ARG A 12 -6.82 -27.23 -20.55
N GLU A 13 -6.45 -27.64 -19.34
CA GLU A 13 -7.08 -27.10 -18.14
C GLU A 13 -6.63 -25.68 -17.87
N ILE A 14 -5.37 -25.37 -18.15
CA ILE A 14 -4.92 -23.98 -18.02
C ILE A 14 -5.77 -23.08 -18.90
N ARG A 15 -5.99 -23.50 -20.15
CA ARG A 15 -6.83 -22.72 -21.06
C ARG A 15 -8.26 -22.66 -20.56
N ARG A 16 -8.79 -23.78 -20.08
CA ARG A 16 -10.16 -23.84 -19.61
C ARG A 16 -10.41 -22.86 -18.47
N TYR A 17 -9.50 -22.83 -17.50
CA TYR A 17 -9.75 -22.02 -16.30
C TYR A 17 -9.25 -20.60 -16.44
N GLN A 18 -8.41 -20.30 -17.43
CA GLN A 18 -8.12 -18.91 -17.75
C GLN A 18 -9.16 -18.31 -18.68
N LYS A 19 -9.93 -19.14 -19.38
CA LYS A 19 -11.03 -18.66 -20.18
C LYS A 19 -12.25 -18.30 -19.34
N SER A 20 -12.43 -18.99 -18.21
CA SER A 20 -13.63 -18.86 -17.41
C SER A 20 -13.42 -17.87 -16.26
N THR A 21 -14.50 -17.66 -15.50
CA THR A 21 -14.49 -16.75 -14.36
C THR A 21 -15.15 -17.34 -13.13
N GLU A 22 -15.72 -18.54 -13.21
CA GLU A 22 -16.45 -19.13 -12.10
C GLU A 22 -15.48 -19.47 -10.97
N LEU A 23 -16.01 -19.46 -9.74
CA LEU A 23 -15.21 -19.83 -8.58
C LEU A 23 -14.84 -21.30 -8.62
N LEU A 24 -13.60 -21.59 -8.22
CA LEU A 24 -13.02 -22.92 -8.35
C LEU A 24 -12.99 -23.72 -7.06
N ILE A 25 -13.32 -23.12 -5.93
CA ILE A 25 -13.51 -23.86 -4.68
C ILE A 25 -15.00 -24.11 -4.49
N ARG A 26 -15.35 -25.27 -3.95
CA ARG A 26 -16.75 -25.55 -3.67
C ARG A 26 -17.25 -24.58 -2.61
N LYS A 27 -18.50 -24.14 -2.77
CA LYS A 27 -19.03 -23.06 -1.94
C LYS A 27 -19.20 -23.51 -0.49
N LEU A 28 -19.83 -24.66 -0.28
CA LEU A 28 -20.14 -25.10 1.08
C LEU A 28 -18.89 -25.39 1.90
N PRO A 29 -17.90 -26.13 1.39
CA PRO A 29 -16.66 -26.29 2.16
C PRO A 29 -15.99 -24.97 2.51
N PHE A 30 -15.99 -24.01 1.59
CA PHE A 30 -15.37 -22.72 1.89
C PHE A 30 -16.16 -21.97 2.95
N GLN A 31 -17.48 -22.07 2.92
CA GLN A 31 -18.29 -21.44 3.96
C GLN A 31 -18.00 -22.05 5.32
N ARG A 32 -17.87 -23.38 5.37
CA ARG A 32 -17.52 -24.04 6.63
C ARG A 32 -16.15 -23.56 7.12
N LEU A 33 -15.19 -23.42 6.21
CA LEU A 33 -13.88 -22.92 6.60
C LEU A 33 -13.96 -21.51 7.15
N VAL A 34 -14.74 -20.65 6.48
CA VAL A 34 -14.86 -19.26 6.90
C VAL A 34 -15.47 -19.17 8.29
N ARG A 35 -16.52 -19.95 8.54
CA ARG A 35 -17.15 -19.95 9.85
C ARG A 35 -16.25 -20.57 10.90
N GLU A 36 -15.46 -21.57 10.52
CA GLU A 36 -14.56 -22.21 11.47
C GLU A 36 -13.46 -21.26 11.94
N ILE A 37 -12.78 -20.60 11.01
CA ILE A 37 -11.64 -19.78 11.39
C ILE A 37 -12.08 -18.40 11.85
N ALA A 38 -13.37 -18.17 12.03
CA ALA A 38 -13.84 -17.01 12.77
C ALA A 38 -13.79 -17.33 14.26
N GLN A 39 -12.63 -17.80 14.73
CA GLN A 39 -12.33 -17.93 16.15
C GLN A 39 -12.14 -16.58 16.80
N ASP A 40 -11.94 -15.55 15.98
CA ASP A 40 -12.13 -14.17 16.41
C ASP A 40 -13.61 -13.94 16.69
N PHE A 41 -13.90 -13.20 17.73
CA PHE A 41 -15.27 -13.06 18.21
C PHE A 41 -15.82 -14.45 18.54
N LYS A 42 -15.16 -15.07 19.51
CA LYS A 42 -15.67 -16.22 20.23
C LYS A 42 -16.89 -15.78 21.04
N THR A 43 -18.11 -16.07 20.57
CA THR A 43 -18.54 -16.87 19.42
C THR A 43 -19.84 -16.33 18.81
N ASP A 44 -20.50 -17.19 18.03
CA ASP A 44 -21.87 -16.97 17.55
C ASP A 44 -21.93 -15.82 16.54
N LEU A 45 -21.08 -15.90 15.53
CA LEU A 45 -21.12 -14.96 14.43
C LEU A 45 -22.08 -15.45 13.35
N ARG A 46 -22.79 -14.51 12.76
CA ARG A 46 -23.60 -14.76 11.58
C ARG A 46 -22.93 -14.11 10.38
N PHE A 47 -23.20 -14.66 9.21
CA PHE A 47 -22.58 -14.20 7.98
C PHE A 47 -23.66 -13.94 6.94
N GLN A 48 -23.55 -12.81 6.25
CA GLN A 48 -24.32 -12.62 5.04
C GLN A 48 -23.79 -13.52 3.94
N SER A 49 -24.69 -13.98 3.07
CA SER A 49 -24.26 -14.82 1.97
C SER A 49 -23.25 -14.08 1.10
N SER A 50 -23.48 -12.79 0.88
CA SER A 50 -22.54 -11.97 0.13
C SER A 50 -21.24 -11.72 0.89
N ALA A 51 -21.27 -11.77 2.22
CA ALA A 51 -20.01 -11.68 2.96
C ALA A 51 -19.10 -12.86 2.66
N VAL A 52 -19.66 -14.07 2.67
CA VAL A 52 -18.87 -15.26 2.37
C VAL A 52 -18.48 -15.29 0.89
N MET A 53 -19.35 -14.79 0.01
CA MET A 53 -19.00 -14.73 -1.39
C MET A 53 -17.89 -13.73 -1.66
N ALA A 54 -17.91 -12.58 -0.97
CA ALA A 54 -16.81 -11.63 -1.10
C ALA A 54 -15.52 -12.22 -0.58
N LEU A 55 -15.60 -12.94 0.55
CA LEU A 55 -14.43 -13.63 1.07
C LEU A 55 -13.88 -14.63 0.07
N GLN A 56 -14.75 -15.40 -0.57
CA GLN A 56 -14.29 -16.41 -1.51
C GLN A 56 -13.71 -15.79 -2.77
N GLU A 57 -14.32 -14.73 -3.28
CA GLU A 57 -13.74 -14.03 -4.42
C GLU A 57 -12.35 -13.52 -4.09
N ALA A 58 -12.19 -12.88 -2.94
CA ALA A 58 -10.88 -12.38 -2.55
C ALA A 58 -9.88 -13.51 -2.37
N CYS A 59 -10.30 -14.61 -1.75
CA CYS A 59 -9.39 -15.72 -1.49
C CYS A 59 -8.91 -16.37 -2.78
N GLU A 60 -9.83 -16.59 -3.73
CA GLU A 60 -9.44 -17.23 -4.97
C GLU A 60 -8.60 -16.30 -5.84
N ALA A 61 -8.91 -15.00 -5.84
CA ALA A 61 -8.04 -14.05 -6.52
C ALA A 61 -6.64 -14.08 -5.93
N TYR A 62 -6.54 -14.10 -4.60
CA TYR A 62 -5.25 -14.13 -3.94
C TYR A 62 -4.47 -15.39 -4.30
N LEU A 63 -5.15 -16.54 -4.30
CA LEU A 63 -4.46 -17.79 -4.57
C LEU A 63 -4.04 -17.88 -6.03
N VAL A 64 -4.86 -17.36 -6.96
CA VAL A 64 -4.49 -17.40 -8.37
C VAL A 64 -3.28 -16.51 -8.62
N GLY A 65 -3.27 -15.32 -8.04
CA GLY A 65 -2.10 -14.47 -8.17
C GLY A 65 -0.86 -15.08 -7.55
N LEU A 66 -1.02 -15.71 -6.39
CA LEU A 66 0.13 -16.34 -5.75
C LEU A 66 0.64 -17.52 -6.55
N PHE A 67 -0.25 -18.24 -7.24
CA PHE A 67 0.20 -19.34 -8.10
C PHE A 67 0.90 -18.80 -9.33
N GLU A 68 0.48 -17.65 -9.84
CA GLU A 68 1.22 -17.02 -10.94
C GLU A 68 2.65 -16.68 -10.51
N ASP A 69 2.80 -16.07 -9.32
CA ASP A 69 4.15 -15.77 -8.83
C ASP A 69 4.95 -17.04 -8.56
N THR A 70 4.30 -18.06 -7.98
CA THR A 70 4.95 -19.33 -7.73
C THR A 70 5.46 -19.96 -9.03
N ASN A 71 4.65 -19.89 -10.09
CA ASN A 71 5.05 -20.44 -11.38
C ASN A 71 6.23 -19.66 -11.94
N LEU A 72 6.24 -18.33 -11.76
CA LEU A 72 7.41 -17.57 -12.20
C LEU A 72 8.66 -18.01 -11.45
N CYS A 73 8.56 -18.23 -10.15
CA CYS A 73 9.72 -18.68 -9.37
C CYS A 73 10.18 -20.06 -9.81
N ALA A 74 9.22 -20.95 -10.10
CA ALA A 74 9.57 -22.29 -10.55
C ALA A 74 10.27 -22.25 -11.90
N ILE A 75 9.78 -21.43 -12.82
CA ILE A 75 10.42 -21.27 -14.12
C ILE A 75 11.82 -20.70 -13.95
N HIS A 76 11.98 -19.77 -13.01
CA HIS A 76 13.28 -19.14 -12.78
C HIS A 76 14.32 -20.16 -12.30
N ALA A 77 13.89 -21.19 -11.59
CA ALA A 77 14.76 -22.29 -11.18
C ALA A 77 14.86 -23.38 -12.22
N LYS A 78 14.38 -23.12 -13.45
CA LYS A 78 14.45 -24.08 -14.56
C LYS A 78 13.62 -25.32 -14.28
N ARG A 79 12.40 -25.12 -13.80
CA ARG A 79 11.50 -26.21 -13.49
C ARG A 79 10.13 -25.93 -14.11
N VAL A 80 9.35 -27.00 -14.26
CA VAL A 80 7.95 -26.88 -14.64
C VAL A 80 7.05 -27.09 -13.43
N THR A 81 7.56 -27.78 -12.42
CA THR A 81 6.80 -28.16 -11.24
C THR A 81 6.90 -27.07 -10.19
N ILE A 82 5.76 -26.59 -9.70
CA ILE A 82 5.78 -25.69 -8.57
C ILE A 82 5.95 -26.50 -7.30
N MET A 83 6.74 -25.99 -6.38
CA MET A 83 7.09 -26.64 -5.14
C MET A 83 6.80 -25.69 -3.99
N PRO A 84 6.71 -26.20 -2.76
CA PRO A 84 6.49 -25.29 -1.63
C PRO A 84 7.53 -24.19 -1.53
N LYS A 85 8.77 -24.44 -1.96
CA LYS A 85 9.79 -23.40 -1.88
C LYS A 85 9.51 -22.27 -2.85
N ASP A 86 8.87 -22.57 -3.98
CA ASP A 86 8.47 -21.52 -4.90
C ASP A 86 7.40 -20.61 -4.30
N ILE A 87 6.43 -21.21 -3.63
CA ILE A 87 5.42 -20.43 -2.91
C ILE A 87 6.08 -19.59 -1.84
N GLN A 88 7.05 -20.18 -1.12
CA GLN A 88 7.73 -19.45 -0.06
C GLN A 88 8.52 -18.27 -0.61
N LEU A 89 9.23 -18.47 -1.72
CA LEU A 89 9.96 -17.37 -2.33
C LEU A 89 9.02 -16.28 -2.82
N ALA A 90 7.91 -16.67 -3.45
CA ALA A 90 6.95 -15.68 -3.92
C ALA A 90 6.39 -14.88 -2.76
N ARG A 91 6.05 -15.55 -1.65
CA ARG A 91 5.49 -14.85 -0.51
C ARG A 91 6.52 -14.01 0.21
N ARG A 92 7.79 -14.39 0.16
CA ARG A 92 8.84 -13.59 0.80
C ARG A 92 9.13 -12.33 -0.01
N ILE A 93 9.19 -12.45 -1.33
CA ILE A 93 9.41 -11.26 -2.16
C ILE A 93 8.21 -10.33 -2.04
N ARG A 94 7.00 -10.89 -1.91
CA ARG A 94 5.80 -10.08 -1.74
C ARG A 94 5.77 -9.35 -0.40
N GLY A 95 6.56 -9.82 0.57
CA GLY A 95 6.51 -9.24 1.90
C GLY A 95 5.50 -9.87 2.81
N GLU A 96 5.03 -11.08 2.50
CA GLU A 96 3.98 -11.72 3.28
C GLU A 96 4.55 -12.58 4.39
N ARG A 97 5.67 -13.25 4.15
CA ARG A 97 6.29 -14.05 5.21
C ARG A 97 6.72 -13.17 6.38
N ALA A 98 7.33 -12.02 6.10
CA ALA A 98 7.74 -11.11 7.16
C ALA A 98 7.89 -9.69 6.60
N ARG B 1 -24.15 -20.67 15.64
CA ARG B 1 -23.38 -21.94 15.68
C ARG B 1 -21.88 -21.69 15.59
N LYS B 2 -21.10 -22.72 15.96
CA LYS B 2 -19.65 -22.70 15.84
C LYS B 2 -19.19 -24.08 15.41
N VAL B 3 -18.24 -24.11 14.47
CA VAL B 3 -17.73 -25.37 13.91
C VAL B 3 -16.22 -25.40 14.04
N LEU B 4 -15.69 -26.58 14.37
CA LEU B 4 -14.25 -26.82 14.34
C LEU B 4 -14.07 -28.29 13.97
N ARG B 5 -13.95 -28.56 12.67
CA ARG B 5 -14.11 -29.92 12.17
C ARG B 5 -13.10 -30.25 11.07
N ASP B 6 -11.92 -29.61 11.11
CA ASP B 6 -10.88 -29.86 10.11
C ASP B 6 -11.40 -29.70 8.68
N ASN B 7 -12.01 -28.56 8.38
CA ASN B 7 -12.54 -28.33 7.05
C ASN B 7 -11.66 -27.44 6.19
N ILE B 8 -10.41 -27.23 6.60
CA ILE B 8 -9.39 -26.77 5.67
C ILE B 8 -9.13 -27.86 4.63
N GLN B 9 -9.40 -29.12 4.99
CA GLN B 9 -9.32 -30.21 4.04
C GLN B 9 -10.49 -30.23 3.07
N GLY B 10 -11.51 -29.42 3.32
CA GLY B 10 -12.57 -29.19 2.35
C GLY B 10 -12.12 -28.37 1.16
N ILE B 11 -11.01 -27.66 1.30
CA ILE B 11 -10.34 -27.06 0.15
C ILE B 11 -9.50 -28.17 -0.45
N THR B 12 -10.05 -28.88 -1.42
CA THR B 12 -9.52 -30.16 -1.82
C THR B 12 -8.33 -30.00 -2.76
N LYS B 13 -7.65 -31.11 -2.99
CA LYS B 13 -6.57 -31.16 -3.97
C LYS B 13 -7.02 -30.75 -5.36
N PRO B 14 -8.12 -31.26 -5.91
CA PRO B 14 -8.57 -30.77 -7.22
C PRO B 14 -8.90 -29.30 -7.26
N ALA B 15 -9.44 -28.72 -6.19
CA ALA B 15 -9.73 -27.30 -6.17
C ALA B 15 -8.45 -26.47 -6.23
N ILE B 16 -7.44 -26.88 -5.46
CA ILE B 16 -6.15 -26.21 -5.49
C ILE B 16 -5.52 -26.36 -6.87
N ARG B 17 -5.69 -27.52 -7.50
CA ARG B 17 -5.18 -27.72 -8.85
C ARG B 17 -5.87 -26.80 -9.85
N ARG B 18 -7.18 -26.63 -9.72
CA ARG B 18 -7.89 -25.70 -10.60
C ARG B 18 -7.42 -24.27 -10.40
N LEU B 19 -7.20 -23.88 -9.14
CA LEU B 19 -6.67 -22.55 -8.87
C LEU B 19 -5.29 -22.38 -9.47
N ALA B 20 -4.45 -23.42 -9.41
CA ALA B 20 -3.13 -23.38 -10.03
C ALA B 20 -3.25 -23.31 -11.55
N ARG B 21 -4.21 -24.02 -12.13
CA ARG B 21 -4.40 -23.98 -13.58
C ARG B 21 -4.84 -22.60 -14.05
N ARG B 22 -5.73 -21.93 -13.32
CA ARG B 22 -6.06 -20.56 -13.66
C ARG B 22 -4.85 -19.65 -13.47
N GLY B 23 -3.92 -20.04 -12.61
CA GLY B 23 -2.68 -19.33 -12.44
C GLY B 23 -1.60 -19.67 -13.45
N GLY B 24 -1.91 -20.54 -14.41
CA GLY B 24 -0.97 -20.91 -15.44
C GLY B 24 0.00 -22.00 -15.08
N VAL B 25 -0.31 -22.82 -14.08
CA VAL B 25 0.61 -23.81 -13.56
C VAL B 25 0.33 -25.15 -14.23
N LYS B 26 1.39 -25.76 -14.79
CA LYS B 26 1.27 -26.99 -15.57
C LYS B 26 1.53 -28.24 -14.74
N ARG B 27 2.51 -28.21 -13.84
CA ARG B 27 2.88 -29.35 -13.03
C ARG B 27 2.96 -28.92 -11.59
N ILE B 28 2.43 -29.74 -10.69
CA ILE B 28 2.24 -29.37 -9.29
C ILE B 28 2.87 -30.45 -8.42
N SER B 29 3.76 -30.04 -7.52
CA SER B 29 4.32 -30.96 -6.53
C SER B 29 3.24 -31.42 -5.56
N GLY B 30 3.37 -32.64 -5.07
CA GLY B 30 2.38 -33.18 -4.16
C GLY B 30 2.35 -32.47 -2.83
N LEU B 31 3.39 -31.72 -2.50
CA LEU B 31 3.47 -30.96 -1.26
C LEU B 31 2.84 -29.58 -1.39
N ILE B 32 2.31 -29.24 -2.56
CA ILE B 32 1.77 -27.91 -2.77
C ILE B 32 0.41 -27.75 -2.11
N TYR B 33 -0.30 -28.84 -1.88
CA TYR B 33 -1.68 -28.73 -1.41
C TYR B 33 -1.74 -28.33 0.05
N GLU B 34 -0.91 -28.93 0.90
CA GLU B 34 -0.87 -28.53 2.29
C GLU B 34 -0.26 -27.14 2.46
N GLU B 35 0.75 -26.81 1.66
CA GLU B 35 1.29 -25.46 1.63
C GLU B 35 0.21 -24.44 1.28
N THR B 36 -0.58 -24.73 0.25
CA THR B 36 -1.63 -23.81 -0.18
C THR B 36 -2.72 -23.70 0.88
N ARG B 37 -3.04 -24.81 1.55
CA ARG B 37 -4.01 -24.75 2.64
C ARG B 37 -3.52 -23.84 3.75
N GLY B 38 -2.25 -23.96 4.12
CA GLY B 38 -1.72 -23.08 5.15
C GLY B 38 -1.74 -21.62 4.72
N VAL B 39 -1.35 -21.34 3.49
CA VAL B 39 -1.34 -19.97 2.98
C VAL B 39 -2.75 -19.38 2.99
N LEU B 40 -3.72 -20.16 2.50
CA LEU B 40 -5.10 -19.67 2.48
C LEU B 40 -5.64 -19.48 3.88
N LYS B 41 -5.30 -20.37 4.81
CA LYS B 41 -5.75 -20.21 6.18
C LYS B 41 -5.21 -18.92 6.78
N VAL B 42 -3.95 -18.60 6.51
CA VAL B 42 -3.37 -17.36 7.04
C VAL B 42 -4.07 -16.15 6.44
N PHE B 43 -4.26 -16.16 5.12
CA PHE B 43 -4.92 -15.06 4.44
C PHE B 43 -6.33 -14.83 4.98
N LEU B 44 -7.09 -15.93 5.10
CA LEU B 44 -8.45 -15.84 5.59
C LEU B 44 -8.48 -15.37 7.04
N GLU B 45 -7.54 -15.85 7.85
CA GLU B 45 -7.48 -15.39 9.24
C GLU B 45 -7.30 -13.88 9.30
N ASN B 46 -6.37 -13.34 8.52
CA ASN B 46 -6.17 -11.89 8.54
C ASN B 46 -7.43 -11.15 8.12
N VAL B 47 -8.01 -11.54 6.98
CA VAL B 47 -9.16 -10.81 6.48
C VAL B 47 -10.34 -10.92 7.43
N ILE B 48 -10.59 -12.11 7.98
CA ILE B 48 -11.74 -12.30 8.85
C ILE B 48 -11.53 -11.62 10.19
N ARG B 49 -10.29 -11.55 10.67
CA ARG B 49 -10.02 -10.77 11.88
C ARG B 49 -10.40 -9.31 11.67
N ASP B 50 -9.95 -8.73 10.56
CA ASP B 50 -10.32 -7.33 10.30
C ASP B 50 -11.83 -7.17 10.11
N ALA B 51 -12.45 -8.10 9.38
CA ALA B 51 -13.88 -8.01 9.11
C ALA B 51 -14.70 -8.11 10.40
N VAL B 52 -14.29 -8.99 11.31
CA VAL B 52 -15.02 -9.13 12.56
C VAL B 52 -14.74 -7.96 13.49
N THR B 53 -13.56 -7.34 13.41
CA THR B 53 -13.35 -6.10 14.15
C THR B 53 -14.30 -5.01 13.65
N TYR B 54 -14.47 -4.91 12.33
CA TYR B 54 -15.44 -3.97 11.78
C TYR B 54 -16.85 -4.30 12.22
N THR B 55 -17.21 -5.59 12.25
CA THR B 55 -18.53 -6.00 12.68
C THR B 55 -18.77 -5.65 14.15
N GLU B 56 -17.77 -5.88 14.99
CA GLU B 56 -17.90 -5.60 16.42
C GLU B 56 -18.03 -4.11 16.67
N HIS B 57 -17.28 -3.29 15.92
CA HIS B 57 -17.42 -1.85 16.11
C HIS B 57 -18.85 -1.40 15.84
N ALA B 58 -19.45 -1.91 14.76
CA ALA B 58 -20.84 -1.60 14.43
C ALA B 58 -21.82 -2.22 15.41
N LYS B 59 -21.35 -2.94 16.42
CA LYS B 59 -22.20 -3.57 17.43
C LYS B 59 -23.18 -4.54 16.80
N ARG B 60 -22.79 -5.11 15.65
CA ARG B 60 -23.60 -6.09 14.96
C ARG B 60 -23.15 -7.50 15.33
N LYS B 61 -24.03 -8.46 15.08
CA LYS B 61 -23.71 -9.88 15.19
C LYS B 61 -23.43 -10.52 13.84
N THR B 62 -23.87 -9.90 12.75
CA THR B 62 -23.71 -10.44 11.42
C THR B 62 -22.53 -9.77 10.73
N VAL B 63 -21.67 -10.58 10.12
CA VAL B 63 -20.62 -10.05 9.26
C VAL B 63 -21.21 -9.76 7.89
N THR B 64 -21.17 -8.51 7.48
CA THR B 64 -21.73 -8.09 6.21
C THR B 64 -20.65 -8.02 5.15
N ALA B 65 -21.09 -7.94 3.89
CA ALA B 65 -20.14 -7.86 2.78
C ALA B 65 -19.34 -6.57 2.86
N MET B 66 -19.90 -5.52 3.46
CA MET B 66 -19.18 -4.27 3.58
C MET B 66 -18.04 -4.39 4.58
N ASP B 67 -18.23 -5.17 5.65
CA ASP B 67 -17.14 -5.44 6.57
C ASP B 67 -15.98 -6.12 5.87
N VAL B 68 -16.28 -7.11 5.01
CA VAL B 68 -15.25 -7.81 4.28
C VAL B 68 -14.57 -6.87 3.29
N VAL B 69 -15.35 -6.04 2.60
CA VAL B 69 -14.78 -5.09 1.65
C VAL B 69 -13.84 -4.12 2.35
N TYR B 70 -14.24 -3.62 3.53
CA TYR B 70 -13.40 -2.73 4.29
C TYR B 70 -12.13 -3.43 4.76
N ALA B 71 -12.25 -4.66 5.25
CA ALA B 71 -11.08 -5.41 5.68
C ALA B 71 -10.12 -5.63 4.53
N LEU B 72 -10.64 -5.96 3.35
CA LEU B 72 -9.79 -6.19 2.19
C LEU B 72 -9.10 -4.90 1.75
N LYS B 73 -9.84 -3.79 1.72
CA LYS B 73 -9.22 -2.51 1.38
C LYS B 73 -8.13 -2.15 2.38
N ARG B 74 -8.36 -2.44 3.66
CA ARG B 74 -7.36 -2.18 4.68
C ARG B 74 -6.11 -3.04 4.48
N GLN B 75 -6.29 -4.27 3.99
CA GLN B 75 -5.19 -5.17 3.68
C GLN B 75 -4.50 -4.85 2.36
N GLY B 76 -5.00 -3.86 1.61
CA GLY B 76 -4.43 -3.54 0.32
C GLY B 76 -4.97 -4.37 -0.83
N ARG B 77 -6.15 -4.95 -0.68
CA ARG B 77 -6.70 -5.90 -1.63
C ARG B 77 -8.13 -5.51 -2.01
N THR B 78 -8.30 -4.24 -2.39
CA THR B 78 -9.59 -3.71 -2.82
C THR B 78 -10.33 -4.68 -3.73
N LEU B 79 -11.62 -4.85 -3.47
CA LEU B 79 -12.48 -5.76 -4.21
C LEU B 79 -13.67 -4.98 -4.76
N TYR B 80 -13.96 -5.17 -6.05
CA TYR B 80 -15.13 -4.57 -6.67
C TYR B 80 -16.23 -5.61 -6.82
N GLY B 81 -17.48 -5.18 -6.71
CA GLY B 81 -18.61 -6.03 -6.99
C GLY B 81 -19.43 -6.44 -5.79
N PHE B 82 -19.12 -5.93 -4.59
CA PHE B 82 -19.87 -6.29 -3.39
C PHE B 82 -20.27 -5.06 -2.58
N GLY B 83 -20.42 -3.92 -3.23
CA GLY B 83 -20.96 -2.74 -2.59
C GLY B 83 -19.96 -1.69 -2.17
N GLY B 84 -18.69 -1.82 -2.51
CA GLY B 84 -17.71 -0.80 -2.19
C GLY B 84 -18.15 0.62 -2.48
N ARG C 1 -12.98 29.22 40.76
CA ARG C 1 -11.92 29.08 39.72
C ARG C 1 -10.81 28.14 40.17
N ALA C 2 -10.82 26.92 39.65
CA ALA C 2 -9.72 26.00 39.89
C ALA C 2 -8.50 26.43 39.08
N LYS C 3 -7.31 26.12 39.60
CA LYS C 3 -6.07 26.61 39.02
C LYS C 3 -5.67 25.88 37.74
N ALA C 4 -6.48 24.94 37.26
CA ALA C 4 -6.25 24.28 35.98
C ALA C 4 -5.10 23.29 36.05
N LYS C 5 -5.26 22.13 35.40
CA LYS C 5 -4.20 21.16 35.24
C LYS C 5 -4.36 20.45 33.91
N THR C 6 -3.24 20.02 33.34
CA THR C 6 -3.28 19.43 32.01
C THR C 6 -4.12 18.16 32.02
N ARG C 7 -4.72 17.87 30.87
CA ARG C 7 -5.46 16.63 30.72
C ARG C 7 -4.53 15.43 30.69
N SER C 8 -3.26 15.63 30.33
CA SER C 8 -2.27 14.57 30.45
C SER C 8 -2.08 14.15 31.89
N SER C 9 -2.00 15.12 32.80
CA SER C 9 -1.85 14.79 34.21
C SER C 9 -3.09 14.07 34.73
N ARG C 10 -4.28 14.49 34.31
CA ARG C 10 -5.48 13.77 34.71
C ARG C 10 -5.46 12.34 34.20
N ALA C 11 -5.06 12.16 32.93
CA ALA C 11 -4.98 10.83 32.36
C ALA C 11 -3.74 10.07 32.81
N GLY C 12 -2.83 10.73 33.52
CA GLY C 12 -1.56 10.11 33.89
C GLY C 12 -0.63 9.88 32.73
N LEU C 13 -0.52 10.83 31.81
CA LEU C 13 0.24 10.67 30.58
C LEU C 13 1.33 11.72 30.49
N GLN C 14 2.39 11.38 29.76
CA GLN C 14 3.41 12.35 29.40
C GLN C 14 3.09 13.04 28.09
N PHE C 15 2.44 12.34 27.17
CA PHE C 15 2.11 12.90 25.87
C PHE C 15 0.99 13.92 26.03
N PRO C 16 0.92 14.91 25.12
CA PRO C 16 -0.02 16.01 25.31
C PRO C 16 -1.44 15.70 24.85
N VAL C 17 -2.37 15.60 25.79
CA VAL C 17 -3.76 15.34 25.43
C VAL C 17 -4.37 16.56 24.75
N GLY C 18 -4.04 17.76 25.22
CA GLY C 18 -4.59 18.96 24.59
C GLY C 18 -4.11 19.15 23.17
N ARG C 19 -2.81 18.97 22.93
CA ARG C 19 -2.29 19.08 21.58
C ARG C 19 -2.88 18.02 20.67
N VAL C 20 -3.02 16.79 21.17
CA VAL C 20 -3.56 15.71 20.37
C VAL C 20 -5.03 15.97 20.04
N HIS C 21 -5.77 16.52 20.99
CA HIS C 21 -7.16 16.88 20.73
C HIS C 21 -7.25 17.97 19.69
N ARG C 22 -6.39 18.97 19.77
CA ARG C 22 -6.36 20.03 18.75
C ARG C 22 -6.01 19.46 17.38
N LEU C 23 -5.05 18.56 17.31
CA LEU C 23 -4.67 17.94 16.04
C LEU C 23 -5.80 17.09 15.48
N LEU C 24 -6.52 16.39 16.34
CA LEU C 24 -7.68 15.61 15.89
C LEU C 24 -8.77 16.52 15.34
N ARG C 25 -9.10 17.58 16.08
CA ARG C 25 -10.13 18.52 15.62
C ARG C 25 -9.74 19.17 14.30
N LYS C 26 -8.48 19.59 14.18
CA LYS C 26 -8.06 20.35 13.02
C LYS C 26 -7.54 19.47 11.90
N GLY C 27 -7.51 18.16 12.10
CA GLY C 27 -7.06 17.25 11.07
C GLY C 27 -8.11 16.84 10.08
N ASN C 28 -9.33 17.33 10.22
CA ASN C 28 -10.42 16.99 9.30
C ASN C 28 -10.72 15.50 9.31
N TYR C 29 -10.75 14.90 10.49
CA TYR C 29 -11.07 13.49 10.62
C TYR C 29 -12.56 13.29 10.84
N SER C 30 -13.17 14.15 11.62
CA SER C 30 -14.62 14.15 11.82
C SER C 30 -15.01 15.56 12.24
N GLU C 31 -16.31 15.84 12.20
CA GLU C 31 -16.77 17.15 12.61
C GLU C 31 -16.77 17.32 14.12
N ARG C 32 -16.78 16.22 14.87
CA ARG C 32 -16.73 16.25 16.33
C ARG C 32 -15.68 15.26 16.82
N VAL C 33 -15.07 15.57 17.95
CA VAL C 33 -14.08 14.71 18.59
C VAL C 33 -14.46 14.55 20.05
N GLY C 34 -14.54 13.30 20.52
CA GLY C 34 -14.92 13.05 21.89
C GLY C 34 -13.82 13.42 22.88
N ALA C 35 -14.22 13.57 24.14
CA ALA C 35 -13.26 13.94 25.17
C ALA C 35 -12.19 12.88 25.39
N GLY C 36 -12.59 11.61 25.42
CA GLY C 36 -11.64 10.53 25.66
C GLY C 36 -10.90 10.06 24.44
N ALA C 37 -11.27 10.53 23.25
CA ALA C 37 -10.53 10.15 22.05
C ALA C 37 -9.09 10.65 22.09
N PRO C 38 -8.81 11.93 22.38
CA PRO C 38 -7.40 12.35 22.51
C PRO C 38 -6.68 11.68 23.66
N VAL C 39 -7.36 11.35 24.76
CA VAL C 39 -6.71 10.66 25.86
C VAL C 39 -6.29 9.26 25.43
N TYR C 40 -7.19 8.55 24.77
CA TYR C 40 -6.88 7.23 24.24
C TYR C 40 -5.73 7.29 23.23
N LEU C 41 -5.77 8.27 22.33
CA LEU C 41 -4.75 8.33 21.28
C LEU C 41 -3.41 8.76 21.84
N ALA C 42 -3.39 9.66 22.81
CA ALA C 42 -2.12 10.06 23.43
C ALA C 42 -1.54 8.92 24.25
N ALA C 43 -2.40 8.15 24.92
CA ALA C 43 -1.92 6.98 25.66
C ALA C 43 -1.34 5.93 24.73
N VAL C 44 -1.98 5.69 23.58
CA VAL C 44 -1.46 4.73 22.62
C VAL C 44 -0.13 5.23 22.05
N LEU C 45 -0.05 6.51 21.70
CA LEU C 45 1.20 7.05 21.16
C LEU C 45 2.32 6.95 22.17
N GLU C 46 2.03 7.27 23.44
CA GLU C 46 3.03 7.15 24.48
C GLU C 46 3.47 5.70 24.66
N TYR C 47 2.52 4.77 24.62
CA TYR C 47 2.87 3.36 24.77
C TYR C 47 3.81 2.90 23.66
N LEU C 48 3.47 3.23 22.42
CA LEU C 48 4.31 2.81 21.30
C LEU C 48 5.67 3.48 21.37
N THR C 49 5.70 4.76 21.72
CA THR C 49 6.96 5.47 21.86
C THR C 49 7.84 4.84 22.92
N ALA C 50 7.25 4.49 24.07
CA ALA C 50 8.02 3.86 25.14
C ALA C 50 8.51 2.48 24.73
N GLU C 51 7.69 1.74 24.00
CA GLU C 51 8.11 0.43 23.51
C GLU C 51 9.33 0.54 22.62
N ILE C 52 9.25 1.41 21.61
CA ILE C 52 10.38 1.60 20.70
C ILE C 52 11.60 2.12 21.45
N LEU C 53 11.40 3.08 22.35
CA LEU C 53 12.53 3.67 23.05
C LEU C 53 13.19 2.68 23.99
N GLU C 54 12.41 1.81 24.62
CA GLU C 54 13.01 0.77 25.45
C GLU C 54 13.88 -0.15 24.62
N LEU C 55 13.36 -0.61 23.48
CA LEU C 55 14.18 -1.49 22.65
C LEU C 55 15.41 -0.76 22.10
N ALA C 56 15.26 0.51 21.74
CA ALA C 56 16.37 1.26 21.19
C ALA C 56 17.43 1.55 22.24
N GLY C 57 17.02 1.81 23.47
CA GLY C 57 17.97 1.97 24.55
C GLY C 57 18.68 0.68 24.89
N ASN C 58 17.98 -0.45 24.81
CA ASN C 58 18.64 -1.73 24.99
C ASN C 58 19.70 -1.94 23.91
N ALA C 59 19.37 -1.62 22.65
CA ALA C 59 20.35 -1.71 21.58
C ALA C 59 21.53 -0.76 21.83
N ALA C 60 21.25 0.46 22.29
CA ALA C 60 22.33 1.41 22.55
C ALA C 60 23.26 0.90 23.64
N ARG C 61 22.69 0.33 24.70
CA ARG C 61 23.50 -0.23 25.78
C ARG C 61 24.33 -1.41 25.28
N ASP C 62 23.73 -2.27 24.47
CA ASP C 62 24.49 -3.37 23.89
C ASP C 62 25.69 -2.88 23.09
N ASN C 63 25.53 -1.78 22.37
CA ASN C 63 26.62 -1.18 21.62
C ASN C 63 27.58 -0.40 22.50
N LYS C 64 27.43 -0.47 23.82
CA LYS C 64 28.26 0.30 24.74
C LYS C 64 28.13 1.79 24.50
N LYS C 65 27.00 2.21 23.95
CA LYS C 65 26.69 3.61 23.67
C LYS C 65 25.70 4.12 24.69
N THR C 66 25.90 5.37 25.12
CA THR C 66 25.02 6.00 26.09
C THR C 66 23.87 6.74 25.43
N ARG C 67 23.85 6.84 24.11
CA ARG C 67 22.89 7.66 23.39
C ARG C 67 22.26 6.85 22.27
N ILE C 68 20.96 7.05 22.05
CA ILE C 68 20.27 6.39 20.96
C ILE C 68 20.57 7.13 19.67
N ILE C 69 20.72 6.39 18.58
CA ILE C 69 20.95 6.97 17.26
C ILE C 69 20.04 6.23 16.29
N PRO C 70 19.83 6.77 15.09
CA PRO C 70 18.94 6.09 14.14
C PRO C 70 19.29 4.63 13.90
N ARG C 71 20.56 4.25 14.03
CA ARG C 71 20.95 2.85 13.93
C ARG C 71 20.29 2.02 15.01
N HIS C 72 20.26 2.54 16.24
CA HIS C 72 19.66 1.81 17.34
C HIS C 72 18.15 1.67 17.17
N LEU C 73 17.49 2.72 16.66
CA LEU C 73 16.08 2.61 16.33
C LEU C 73 15.85 1.55 15.25
N GLN C 74 16.69 1.54 14.23
CA GLN C 74 16.59 0.52 13.19
C GLN C 74 16.73 -0.88 13.79
N LEU C 75 17.76 -1.09 14.60
CA LEU C 75 17.99 -2.41 15.18
C LEU C 75 16.82 -2.83 16.06
N ALA C 76 16.33 -1.92 16.89
CA ALA C 76 15.20 -2.22 17.75
C ALA C 76 13.98 -2.61 16.94
N ILE C 77 13.70 -1.86 15.88
CA ILE C 77 12.48 -2.09 15.10
C ILE C 77 12.57 -3.40 14.33
N ARG C 78 13.73 -3.68 13.71
CA ARG C 78 13.83 -4.86 12.86
C ARG C 78 14.08 -6.13 13.64
N ASN C 79 14.61 -6.02 14.87
CA ASN C 79 14.77 -7.20 15.71
C ASN C 79 13.50 -7.54 16.48
N ASP C 80 12.49 -6.68 16.46
CA ASP C 80 11.21 -6.94 17.09
C ASP C 80 10.20 -7.29 16.02
N GLU C 81 9.45 -8.38 16.24
CA GLU C 81 8.52 -8.85 15.22
C GLU C 81 7.33 -7.91 15.07
N GLU C 82 6.72 -7.49 16.18
CA GLU C 82 5.58 -6.60 16.10
C GLU C 82 5.96 -5.24 15.54
N LEU C 83 7.06 -4.64 16.02
CA LEU C 83 7.48 -3.36 15.49
C LEU C 83 7.91 -3.46 14.04
N ASN C 84 8.59 -4.55 13.68
CA ASN C 84 8.96 -4.74 12.28
C ASN C 84 7.72 -4.80 11.40
N LYS C 85 6.68 -5.50 11.86
CA LYS C 85 5.45 -5.56 11.10
C LYS C 85 4.77 -4.19 11.02
N LEU C 86 4.72 -3.46 12.12
CA LEU C 86 4.09 -2.14 12.12
C LEU C 86 4.83 -1.17 11.23
N LEU C 87 6.16 -1.16 11.30
CA LEU C 87 7.01 -0.27 10.52
C LEU C 87 7.69 -0.99 9.36
N GLY C 88 6.97 -1.88 8.67
CA GLY C 88 7.56 -2.68 7.62
C GLY C 88 7.76 -1.95 6.32
N ARG C 89 6.94 -0.94 6.03
CA ARG C 89 7.06 -0.15 4.80
C ARG C 89 7.82 1.15 5.04
N VAL C 90 8.56 1.25 6.14
CA VAL C 90 9.21 2.50 6.54
C VAL C 90 10.71 2.31 6.44
N THR C 91 11.39 3.31 5.88
CA THR C 91 12.84 3.37 5.87
C THR C 91 13.29 4.44 6.85
N ILE C 92 14.21 4.07 7.73
CA ILE C 92 14.74 4.96 8.76
C ILE C 92 16.07 5.48 8.25
N ALA C 93 16.19 6.80 8.15
CA ALA C 93 17.39 7.40 7.59
C ALA C 93 18.58 7.12 8.50
N GLN C 94 19.66 6.60 7.92
CA GLN C 94 20.89 6.25 8.62
C GLN C 94 20.68 5.14 9.64
N GLY C 95 19.77 4.22 9.36
CA GLY C 95 19.60 3.07 10.24
C GLY C 95 20.34 1.84 9.78
N GLY C 96 20.65 1.76 8.49
CA GLY C 96 21.35 0.60 7.98
C GLY C 96 20.42 -0.59 7.77
N VAL C 97 21.02 -1.78 7.84
CA VAL C 97 20.29 -3.04 7.74
C VAL C 97 20.78 -3.95 8.86
N LEU C 98 19.98 -4.96 9.18
CA LEU C 98 20.43 -5.98 10.10
C LEU C 98 21.52 -6.82 9.44
N PRO C 99 22.61 -7.12 10.17
CA PRO C 99 23.63 -8.03 9.62
C PRO C 99 23.04 -9.42 9.42
N ASN C 100 23.05 -9.89 8.17
CA ASN C 100 22.41 -11.16 7.83
C ASN C 100 23.05 -11.68 6.55
N ILE C 101 23.84 -12.73 6.67
CA ILE C 101 24.45 -13.40 5.52
C ILE C 101 23.77 -14.75 5.35
N GLN C 102 23.33 -15.03 4.13
CA GLN C 102 22.65 -16.30 3.87
C GLN C 102 23.62 -17.45 4.06
N ALA C 103 23.11 -18.55 4.62
CA ALA C 103 23.97 -19.64 5.04
C ALA C 103 24.70 -20.28 3.87
N VAL C 104 24.06 -20.31 2.69
CA VAL C 104 24.69 -20.97 1.55
C VAL C 104 25.87 -20.17 1.02
N LEU C 105 25.96 -18.88 1.34
CA LEU C 105 27.07 -18.07 0.87
C LEU C 105 28.33 -18.27 1.71
N LEU C 106 28.17 -18.74 2.94
CA LEU C 106 29.32 -18.90 3.83
C LEU C 106 30.26 -19.97 3.28
N PRO C 107 31.52 -19.95 3.71
CA PRO C 107 32.51 -20.84 3.10
C PRO C 107 32.09 -22.31 3.15
N LYS C 108 32.30 -23.00 2.03
CA LYS C 108 31.84 -24.37 1.86
C LYS C 108 32.75 -25.36 2.58
N THR D 1 6.71 30.71 12.12
CA THR D 1 7.81 30.32 13.05
C THR D 1 7.26 29.53 14.24
N ARG D 2 8.16 29.06 15.10
CA ARG D 2 7.76 28.26 16.26
C ARG D 2 6.93 27.05 15.85
N LYS D 3 7.54 26.11 15.14
CA LYS D 3 6.92 24.84 14.79
C LYS D 3 6.87 23.94 16.01
N GLU D 4 5.92 23.00 16.02
CA GLU D 4 5.73 22.10 17.14
C GLU D 4 6.32 20.73 16.85
N SER D 5 6.61 19.99 17.91
CA SER D 5 7.16 18.65 17.80
C SER D 5 6.87 17.89 19.08
N TYR D 6 7.08 16.58 19.03
CA TYR D 6 6.91 15.72 20.19
C TYR D 6 8.19 15.52 20.98
N SER D 7 9.26 16.23 20.63
CA SER D 7 10.56 16.01 21.27
C SER D 7 10.48 16.04 22.78
N ILE D 8 9.73 17.00 23.34
CA ILE D 8 9.66 17.14 24.78
C ILE D 8 9.06 15.87 25.40
N TYR D 9 7.99 15.35 24.79
CA TYR D 9 7.29 14.20 25.35
C TYR D 9 8.04 12.91 25.09
N ILE D 10 8.70 12.81 23.95
CA ILE D 10 9.55 11.65 23.70
C ILE D 10 10.74 11.61 24.64
N TYR D 11 11.32 12.76 24.99
CA TYR D 11 12.39 12.77 25.98
C TYR D 11 11.85 12.47 27.37
N LYS D 12 10.64 12.91 27.67
CA LYS D 12 10.03 12.56 28.95
C LYS D 12 9.76 11.07 29.06
N VAL D 13 9.36 10.43 27.95
CA VAL D 13 9.15 8.98 27.97
C VAL D 13 10.48 8.24 28.06
N LEU D 14 11.50 8.73 27.36
CA LEU D 14 12.82 8.11 27.43
C LEU D 14 13.37 8.17 28.84
N LYS D 15 13.22 9.30 29.52
CA LYS D 15 13.70 9.41 30.89
C LYS D 15 12.98 8.46 31.82
N GLN D 16 11.83 7.94 31.41
CA GLN D 16 11.15 6.90 32.19
C GLN D 16 11.70 5.52 31.87
N VAL D 17 11.72 5.15 30.60
CA VAL D 17 12.19 3.81 30.25
C VAL D 17 13.67 3.68 30.52
N HIS D 18 14.48 4.68 30.16
CA HIS D 18 15.93 4.63 30.33
C HIS D 18 16.40 5.95 30.92
N PRO D 19 16.41 6.07 32.26
CA PRO D 19 16.72 7.36 32.86
C PRO D 19 18.10 7.90 32.51
N ASP D 20 19.08 7.03 32.25
CA ASP D 20 20.44 7.47 31.99
C ASP D 20 20.77 7.56 30.51
N THR D 21 19.90 7.07 29.63
CA THR D 21 20.16 7.12 28.21
C THR D 21 19.67 8.43 27.62
N GLY D 22 20.48 9.00 26.71
CA GLY D 22 20.09 10.13 25.92
C GLY D 22 19.64 9.71 24.53
N ILE D 23 19.44 10.70 23.68
CA ILE D 23 18.98 10.47 22.32
C ILE D 23 19.54 11.56 21.41
N SER D 24 20.07 11.16 20.27
CA SER D 24 20.60 12.13 19.31
C SER D 24 19.45 12.85 18.61
N SER D 25 19.76 14.03 18.07
CA SER D 25 18.73 14.83 17.42
C SER D 25 18.19 14.16 16.18
N LYS D 26 19.02 13.40 15.46
CA LYS D 26 18.53 12.64 14.32
C LYS D 26 17.61 11.52 14.76
N ALA D 27 17.94 10.86 15.87
CA ALA D 27 17.04 9.86 16.43
C ALA D 27 15.73 10.49 16.84
N MET D 28 15.78 11.69 17.43
CA MET D 28 14.56 12.37 17.84
C MET D 28 13.74 12.79 16.62
N SER D 29 14.38 13.11 15.52
CA SER D 29 13.65 13.36 14.28
C SER D 29 12.97 12.09 13.78
N ILE D 30 13.66 10.95 13.83
CA ILE D 30 13.02 9.70 13.47
C ILE D 30 11.83 9.43 14.36
N MET D 31 11.96 9.72 15.66
CA MET D 31 10.86 9.46 16.60
C MET D 31 9.70 10.40 16.37
N ASN D 32 9.96 11.65 16.02
CA ASN D 32 8.89 12.56 15.64
C ASN D 32 8.14 12.06 14.42
N SER D 33 8.90 11.61 13.41
CA SER D 33 8.27 11.06 12.22
C SER D 33 7.42 9.84 12.57
N PHE D 34 7.93 8.98 13.45
CA PHE D 34 7.17 7.80 13.86
C PHE D 34 5.86 8.20 14.54
N VAL D 35 5.93 9.15 15.48
CA VAL D 35 4.74 9.52 16.23
C VAL D 35 3.71 10.16 15.30
N THR D 36 4.14 11.04 14.40
CA THR D 36 3.20 11.68 13.49
C THR D 36 2.62 10.67 12.51
N ASP D 37 3.43 9.73 12.04
CA ASP D 37 2.96 8.69 11.14
C ASP D 37 1.90 7.83 11.79
N ILE D 38 2.15 7.39 13.03
CA ILE D 38 1.20 6.53 13.71
C ILE D 38 -0.05 7.32 14.10
N PHE D 39 0.10 8.58 14.46
CA PHE D 39 -1.06 9.42 14.72
C PHE D 39 -1.93 9.52 13.48
N GLU D 40 -1.30 9.75 12.32
CA GLU D 40 -2.06 9.83 11.08
C GLU D 40 -2.76 8.52 10.76
N ARG D 41 -2.08 7.39 10.98
CA ARG D 41 -2.70 6.10 10.73
C ARG D 41 -3.94 5.90 11.61
N ILE D 42 -3.78 6.10 12.92
CA ILE D 42 -4.90 5.90 13.84
C ILE D 42 -6.03 6.84 13.51
N ALA D 43 -5.71 8.12 13.32
CA ALA D 43 -6.75 9.12 13.11
C ALA D 43 -7.49 8.88 11.80
N SER D 44 -6.77 8.50 10.75
CA SER D 44 -7.40 8.21 9.47
C SER D 44 -8.32 6.99 9.56
N GLU D 45 -7.86 5.93 10.22
CA GLU D 45 -8.71 4.75 10.35
C GLU D 45 -9.93 5.05 11.22
N ALA D 46 -9.76 5.85 12.27
CA ALA D 46 -10.90 6.22 13.11
C ALA D 46 -11.89 7.08 12.35
N SER D 47 -11.39 7.98 11.49
CA SER D 47 -12.27 8.75 10.63
C SER D 47 -13.07 7.83 9.71
N ARG D 48 -12.40 6.84 9.13
CA ARG D 48 -13.10 5.88 8.28
C ARG D 48 -14.14 5.10 9.07
N LEU D 49 -13.82 4.68 10.29
CA LEU D 49 -14.80 3.95 11.10
C LEU D 49 -16.01 4.81 11.40
N ALA D 50 -15.79 6.07 11.76
CA ALA D 50 -16.93 6.95 12.02
C ALA D 50 -17.77 7.15 10.78
N HIS D 51 -17.13 7.27 9.61
CA HIS D 51 -17.87 7.42 8.37
C HIS D 51 -18.65 6.15 8.02
N TYR D 52 -18.03 4.98 8.21
CA TYR D 52 -18.68 3.72 7.85
C TYR D 52 -19.97 3.55 8.63
N SER D 53 -19.96 3.88 9.91
CA SER D 53 -21.10 3.71 10.77
C SER D 53 -21.98 4.95 10.84
N LYS D 54 -21.76 5.91 9.94
CA LYS D 54 -22.60 7.09 9.82
C LYS D 54 -22.68 7.86 11.14
N ARG D 55 -21.51 8.15 11.68
CA ARG D 55 -21.36 8.92 12.90
C ARG D 55 -20.59 10.20 12.62
N SER D 56 -20.82 11.23 13.43
CA SER D 56 -20.12 12.48 13.30
C SER D 56 -18.97 12.64 14.27
N THR D 57 -18.93 11.85 15.34
CA THR D 57 -17.97 12.01 16.41
C THR D 57 -16.95 10.87 16.35
N ILE D 58 -15.69 11.21 16.58
CA ILE D 58 -14.64 10.23 16.80
C ILE D 58 -14.46 10.13 18.31
N SER D 59 -14.83 9.00 18.87
CA SER D 59 -14.77 8.74 20.30
C SER D 59 -13.65 7.75 20.57
N SER D 60 -13.52 7.34 21.84
CA SER D 60 -12.48 6.39 22.19
C SER D 60 -12.77 4.99 21.67
N ARG D 61 -14.02 4.69 21.32
CA ARG D 61 -14.34 3.45 20.62
C ARG D 61 -13.70 3.42 19.25
N GLU D 62 -13.76 4.53 18.52
CA GLU D 62 -13.13 4.60 17.21
C GLU D 62 -11.63 4.44 17.32
N ILE D 63 -11.00 5.07 18.33
CA ILE D 63 -9.56 4.94 18.51
C ILE D 63 -9.21 3.51 18.89
N GLN D 64 -10.03 2.89 19.73
CA GLN D 64 -9.78 1.50 20.11
C GLN D 64 -9.86 0.56 18.92
N THR D 65 -10.89 0.73 18.08
CA THR D 65 -11.03 -0.13 16.91
C THR D 65 -9.93 0.13 15.90
N ALA D 66 -9.52 1.40 15.74
CA ALA D 66 -8.42 1.71 14.84
C ALA D 66 -7.11 1.11 15.34
N VAL D 67 -6.89 1.15 16.65
CA VAL D 67 -5.70 0.53 17.22
C VAL D 67 -5.72 -0.98 16.97
N ARG D 68 -6.88 -1.60 17.15
CA ARG D 68 -6.99 -3.03 16.90
C ARG D 68 -6.78 -3.38 15.44
N LEU D 69 -7.28 -2.55 14.53
CA LEU D 69 -7.11 -2.81 13.10
C LEU D 69 -5.66 -2.57 12.68
N LEU D 70 -4.98 -1.62 13.30
CA LEU D 70 -3.68 -1.18 12.82
C LEU D 70 -2.53 -1.86 13.55
N LEU D 71 -2.61 -1.98 14.87
CA LEU D 71 -1.46 -2.60 15.52
C LEU D 71 -1.55 -4.13 15.43
N PRO D 72 -0.42 -4.82 15.41
CA PRO D 72 -0.46 -6.29 15.39
C PRO D 72 -0.41 -6.91 16.78
N GLY D 73 -1.28 -7.90 16.97
CA GLY D 73 -1.20 -8.80 18.11
C GLY D 73 -0.96 -8.18 19.48
N GLU D 74 0.20 -8.49 20.05
CA GLU D 74 0.51 -8.05 21.40
C GLU D 74 0.61 -6.53 21.48
N LEU D 75 1.08 -5.88 20.42
CA LEU D 75 1.07 -4.42 20.41
C LEU D 75 -0.35 -3.90 20.55
N ALA D 76 -1.29 -4.44 19.78
CA ALA D 76 -2.68 -4.02 19.91
C ALA D 76 -3.22 -4.29 21.30
N LYS D 77 -2.90 -5.45 21.86
CA LYS D 77 -3.39 -5.80 23.20
C LYS D 77 -2.91 -4.79 24.23
N HIS D 78 -1.60 -4.53 24.25
CA HIS D 78 -1.04 -3.64 25.25
C HIS D 78 -1.46 -2.19 25.01
N ALA D 79 -1.60 -1.79 23.75
CA ALA D 79 -2.04 -0.44 23.44
C ALA D 79 -3.48 -0.22 23.87
N VAL D 80 -4.35 -1.20 23.66
CA VAL D 80 -5.73 -1.07 24.11
C VAL D 80 -5.77 -1.03 25.64
N SER D 81 -4.97 -1.86 26.30
CA SER D 81 -4.90 -1.80 27.76
C SER D 81 -4.46 -0.42 28.23
N GLU D 82 -3.43 0.14 27.60
CA GLU D 82 -2.92 1.45 28.02
C GLU D 82 -3.93 2.56 27.77
N GLY D 83 -4.56 2.56 26.60
CA GLY D 83 -5.56 3.59 26.31
C GLY D 83 -6.76 3.50 27.23
N THR D 84 -7.23 2.28 27.50
CA THR D 84 -8.33 2.10 28.42
C THR D 84 -7.97 2.55 29.83
N LYS D 85 -6.76 2.23 30.29
CA LYS D 85 -6.32 2.68 31.60
C LYS D 85 -6.26 4.21 31.64
N ALA D 86 -5.75 4.82 30.57
CA ALA D 86 -5.68 6.28 30.50
C ALA D 86 -7.06 6.91 30.58
N VAL D 87 -8.02 6.36 29.84
CA VAL D 87 -9.35 6.96 29.81
C VAL D 87 -10.06 6.76 31.14
N THR D 88 -9.90 5.59 31.75
CA THR D 88 -10.49 5.37 33.07
C THR D 88 -9.90 6.31 34.10
N LYS D 89 -8.58 6.54 34.04
CA LYS D 89 -7.96 7.49 34.96
C LYS D 89 -8.44 8.92 34.70
N TYR D 90 -8.55 9.29 33.43
CA TYR D 90 -8.96 10.65 33.08
C TYR D 90 -10.38 10.94 33.54
N THR D 91 -11.30 10.00 33.30
CA THR D 91 -12.70 10.24 33.66
C THR D 91 -12.91 10.25 35.17
N SER D 92 -12.14 9.46 35.92
CA SER D 92 -12.27 9.45 37.36
C SER D 92 -11.90 10.79 37.99
N SER D 93 -11.19 11.64 37.25
CA SER D 93 -10.80 12.95 37.75
C SER D 93 -12.00 13.90 37.77
N PRO E 1 53.43 -12.97 -3.20
CA PRO E 1 52.42 -12.06 -2.69
C PRO E 1 51.17 -12.76 -2.18
N HIS E 2 50.64 -12.28 -1.07
CA HIS E 2 49.45 -12.88 -0.46
C HIS E 2 48.23 -12.64 -1.33
N ARG E 3 47.39 -13.67 -1.45
CA ARG E 3 46.11 -13.58 -2.14
C ARG E 3 45.03 -14.20 -1.28
N TYR E 4 43.93 -13.48 -1.11
CA TYR E 4 42.75 -14.08 -0.51
C TYR E 4 41.95 -14.83 -1.57
N ARG E 5 41.38 -15.95 -1.18
CA ARG E 5 40.61 -16.74 -2.13
C ARG E 5 39.29 -16.02 -2.45
N PRO E 6 38.75 -16.22 -3.64
CA PRO E 6 37.55 -15.47 -4.03
C PRO E 6 36.41 -15.70 -3.04
N GLY E 7 35.72 -14.62 -2.69
CA GLY E 7 34.62 -14.69 -1.76
C GLY E 7 34.98 -14.43 -0.32
N THR E 8 36.26 -14.55 0.05
CA THR E 8 36.67 -14.17 1.40
C THR E 8 36.55 -12.67 1.60
N VAL E 9 37.13 -11.89 0.68
CA VAL E 9 37.02 -10.45 0.75
C VAL E 9 35.58 -10.01 0.49
N ALA E 10 34.83 -10.78 -0.30
CA ALA E 10 33.42 -10.48 -0.50
C ALA E 10 32.64 -10.61 0.79
N LEU E 11 32.92 -11.66 1.56
CA LEU E 11 32.26 -11.83 2.85
C LEU E 11 32.68 -10.74 3.84
N ARG E 12 33.96 -10.37 3.83
CA ARG E 12 34.39 -9.27 4.68
C ARG E 12 33.68 -7.99 4.31
N GLU E 13 33.51 -7.73 3.01
CA GLU E 13 32.79 -6.54 2.57
C GLU E 13 31.32 -6.59 2.98
N ILE E 14 30.70 -7.77 2.87
CA ILE E 14 29.30 -7.90 3.29
C ILE E 14 29.17 -7.53 4.76
N ARG E 15 30.04 -8.09 5.60
CA ARG E 15 30.00 -7.77 7.03
C ARG E 15 30.25 -6.28 7.26
N ARG E 16 31.24 -5.71 6.57
CA ARG E 16 31.59 -4.31 6.75
C ARG E 16 30.41 -3.40 6.42
N TYR E 17 29.73 -3.67 5.31
CA TYR E 17 28.69 -2.74 4.85
C TYR E 17 27.34 -3.00 5.46
N GLN E 18 27.09 -4.21 5.95
CA GLN E 18 25.91 -4.44 6.79
C GLN E 18 26.12 -3.94 8.20
N LYS E 19 27.37 -3.73 8.62
CA LYS E 19 27.66 -3.21 9.94
C LYS E 19 27.42 -1.71 10.02
N SER E 20 27.68 -0.99 8.93
CA SER E 20 27.65 0.46 8.93
C SER E 20 26.32 0.98 8.39
N THR E 21 26.19 2.30 8.38
CA THR E 21 24.95 2.96 8.00
C THR E 21 25.13 4.11 7.03
N GLU E 22 26.35 4.43 6.60
CA GLU E 22 26.56 5.60 5.78
C GLU E 22 26.10 5.34 4.35
N LEU E 23 25.97 6.42 3.59
CA LEU E 23 25.52 6.31 2.20
C LEU E 23 26.64 5.76 1.33
N LEU E 24 26.28 4.80 0.48
CA LEU E 24 27.26 4.05 -0.30
C LEU E 24 27.47 4.60 -1.69
N ILE E 25 26.61 5.49 -2.15
CA ILE E 25 26.84 6.24 -3.38
C ILE E 25 27.50 7.56 -3.04
N ARG E 26 28.34 8.06 -3.93
CA ARG E 26 28.96 9.37 -3.72
C ARG E 26 27.92 10.47 -3.87
N LYS E 27 28.03 11.49 -3.02
CA LYS E 27 26.97 12.50 -2.93
C LYS E 27 26.91 13.36 -4.18
N LEU E 28 28.06 13.76 -4.72
CA LEU E 28 28.05 14.67 -5.86
C LEU E 28 27.50 14.04 -7.13
N PRO E 29 27.95 12.87 -7.58
CA PRO E 29 27.33 12.26 -8.76
C PRO E 29 25.86 11.94 -8.57
N PHE E 30 25.43 11.56 -7.37
CA PHE E 30 24.01 11.32 -7.14
C PHE E 30 23.22 12.61 -7.25
N GLN E 31 23.76 13.71 -6.73
CA GLN E 31 23.10 14.99 -6.87
C GLN E 31 22.99 15.40 -8.34
N ARG E 32 24.05 15.18 -9.11
CA ARG E 32 24.00 15.49 -10.53
C ARG E 32 22.95 14.65 -11.23
N LEU E 33 22.87 13.36 -10.90
CA LEU E 33 21.85 12.50 -11.48
C LEU E 33 20.45 12.98 -11.12
N VAL E 34 20.26 13.39 -9.86
CA VAL E 34 18.94 13.83 -9.40
C VAL E 34 18.51 15.09 -10.13
N ARG E 35 19.44 16.05 -10.28
CA ARG E 35 19.12 17.27 -11.00
C ARG E 35 18.88 16.99 -12.48
N GLU E 36 19.63 16.05 -13.06
CA GLU E 36 19.41 15.70 -14.45
C GLU E 36 18.03 15.10 -14.67
N ILE E 37 17.61 14.19 -13.78
CA ILE E 37 16.28 13.59 -13.89
C ILE E 37 15.20 14.66 -13.73
N ALA E 38 15.42 15.58 -12.78
CA ALA E 38 14.37 16.52 -12.43
C ALA E 38 14.14 17.57 -13.51
N GLN E 39 15.15 17.84 -14.35
CA GLN E 39 14.99 18.88 -15.37
C GLN E 39 14.06 18.45 -16.49
N ASP E 40 13.66 17.18 -16.54
CA ASP E 40 12.62 16.74 -17.47
C ASP E 40 11.22 17.08 -16.99
N PHE E 41 11.04 17.35 -15.69
CA PHE E 41 9.72 17.66 -15.15
C PHE E 41 9.51 19.15 -15.00
N LYS E 42 10.57 19.90 -14.72
CA LYS E 42 10.50 21.35 -14.63
C LYS E 42 11.91 21.90 -14.77
N THR E 43 12.02 23.05 -15.44
CA THR E 43 13.31 23.67 -15.70
C THR E 43 13.63 24.69 -14.63
N ASP E 44 14.92 24.83 -14.34
CA ASP E 44 15.41 25.79 -13.34
C ASP E 44 14.91 25.42 -11.95
N LEU E 45 14.82 24.13 -11.69
CA LEU E 45 14.49 23.66 -10.35
C LEU E 45 15.67 23.88 -9.42
N ARG E 46 15.36 24.28 -8.20
CA ARG E 46 16.32 24.28 -7.11
C ARG E 46 16.00 23.15 -6.16
N PHE E 47 17.01 22.68 -5.46
CA PHE E 47 16.86 21.58 -4.53
C PHE E 47 17.44 21.98 -3.19
N GLN E 48 16.67 21.81 -2.13
CA GLN E 48 17.25 21.83 -0.80
C GLN E 48 18.25 20.68 -0.70
N SER E 49 19.33 20.90 0.05
CA SER E 49 20.30 19.84 0.25
C SER E 49 19.65 18.64 0.93
N SER E 50 18.76 18.88 1.88
CA SER E 50 18.05 17.81 2.55
C SER E 50 17.10 17.07 1.61
N ALA E 51 16.61 17.71 0.57
CA ALA E 51 15.82 16.98 -0.43
C ALA E 51 16.68 15.97 -1.17
N VAL E 52 17.89 16.36 -1.56
CA VAL E 52 18.77 15.44 -2.26
C VAL E 52 19.21 14.32 -1.32
N MET E 53 19.42 14.64 -0.05
CA MET E 53 19.80 13.62 0.92
C MET E 53 18.63 12.66 1.20
N ALA E 54 17.41 13.18 1.24
CA ALA E 54 16.24 12.30 1.34
C ALA E 54 16.15 11.38 0.15
N LEU E 55 16.39 11.92 -1.05
CA LEU E 55 16.35 11.10 -2.25
C LEU E 55 17.42 10.02 -2.20
N GLN E 56 18.62 10.36 -1.76
CA GLN E 56 19.68 9.35 -1.72
C GLN E 56 19.40 8.29 -0.66
N GLU E 57 18.90 8.69 0.51
CA GLU E 57 18.55 7.71 1.53
C GLU E 57 17.48 6.75 1.03
N ALA E 58 16.43 7.30 0.43
CA ALA E 58 15.36 6.45 -0.09
C ALA E 58 15.86 5.54 -1.20
N CYS E 59 16.67 6.08 -2.12
CA CYS E 59 17.16 5.29 -3.24
C CYS E 59 18.05 4.16 -2.78
N GLU E 60 18.95 4.44 -1.85
CA GLU E 60 19.86 3.40 -1.37
C GLU E 60 19.12 2.36 -0.56
N ALA E 61 18.15 2.77 0.26
CA ALA E 61 17.34 1.78 0.96
C ALA E 61 16.61 0.89 -0.02
N TYR E 62 16.04 1.49 -1.07
CA TYR E 62 15.32 0.74 -2.08
C TYR E 62 16.23 -0.27 -2.78
N LEU E 63 17.44 0.17 -3.12
CA LEU E 63 18.37 -0.71 -3.84
C LEU E 63 18.89 -1.83 -2.95
N VAL E 64 19.13 -1.55 -1.68
CA VAL E 64 19.57 -2.60 -0.76
C VAL E 64 18.47 -3.65 -0.59
N GLY E 65 17.22 -3.21 -0.42
CA GLY E 65 16.13 -4.15 -0.34
C GLY E 65 15.94 -4.95 -1.60
N LEU E 66 16.03 -4.31 -2.75
CA LEU E 66 15.93 -5.01 -4.02
C LEU E 66 17.05 -6.02 -4.18
N PHE E 67 18.25 -5.70 -3.68
CA PHE E 67 19.35 -6.66 -3.76
C PHE E 67 19.15 -7.82 -2.81
N GLU E 68 18.52 -7.60 -1.66
CA GLU E 68 18.17 -8.73 -0.80
C GLU E 68 17.23 -9.68 -1.52
N ASP E 69 16.20 -9.12 -2.18
CA ASP E 69 15.29 -9.96 -2.96
C ASP E 69 16.01 -10.66 -4.11
N THR E 70 16.90 -9.94 -4.79
CA THR E 70 17.65 -10.50 -5.90
C THR E 70 18.52 -11.66 -5.45
N ASN E 71 19.17 -11.53 -4.29
CA ASN E 71 20.00 -12.60 -3.78
C ASN E 71 19.17 -13.81 -3.39
N LEU E 72 17.97 -13.58 -2.86
CA LEU E 72 17.08 -14.71 -2.61
C LEU E 72 16.72 -15.43 -3.90
N CYS E 73 16.42 -14.68 -4.96
CA CYS E 73 16.07 -15.28 -6.23
C CYS E 73 17.25 -16.02 -6.85
N ALA E 74 18.46 -15.49 -6.66
CA ALA E 74 19.66 -16.16 -7.15
C ALA E 74 19.90 -17.47 -6.42
N ILE E 75 19.64 -17.47 -5.12
CA ILE E 75 19.81 -18.69 -4.32
C ILE E 75 18.76 -19.72 -4.70
N HIS E 76 17.54 -19.27 -4.99
CA HIS E 76 16.49 -20.19 -5.39
C HIS E 76 16.86 -20.93 -6.66
N ALA E 77 17.63 -20.31 -7.54
CA ALA E 77 18.12 -20.93 -8.75
C ALA E 77 19.42 -21.69 -8.53
N LYS E 78 19.78 -21.95 -7.28
CA LYS E 78 21.01 -22.69 -6.92
C LYS E 78 22.26 -21.99 -7.43
N ARG E 79 22.28 -20.67 -7.38
CA ARG E 79 23.44 -19.86 -7.72
C ARG E 79 23.84 -19.00 -6.53
N VAL E 80 25.06 -18.49 -6.59
CA VAL E 80 25.50 -17.42 -5.70
C VAL E 80 25.69 -16.11 -6.42
N THR E 81 25.77 -16.12 -7.74
CA THR E 81 25.94 -14.92 -8.55
C THR E 81 24.58 -14.35 -8.90
N ILE E 82 24.36 -13.08 -8.58
CA ILE E 82 23.12 -12.44 -9.00
C ILE E 82 23.25 -12.03 -10.45
N MET E 83 22.18 -12.19 -11.20
CA MET E 83 22.13 -11.91 -12.62
C MET E 83 20.97 -10.95 -12.87
N PRO E 84 20.95 -10.31 -14.04
CA PRO E 84 19.81 -9.42 -14.32
C PRO E 84 18.47 -10.10 -14.24
N LYS E 85 18.42 -11.42 -14.50
CA LYS E 85 17.14 -12.13 -14.41
C LYS E 85 16.65 -12.22 -12.98
N ASP E 86 17.56 -12.24 -12.01
CA ASP E 86 17.15 -12.23 -10.60
C ASP E 86 16.55 -10.89 -10.19
N ILE E 87 17.15 -9.79 -10.64
CA ILE E 87 16.55 -8.48 -10.41
C ILE E 87 15.19 -8.41 -11.09
N GLN E 88 15.09 -8.94 -12.30
CA GLN E 88 13.82 -8.91 -13.02
C GLN E 88 12.75 -9.70 -12.29
N LEU E 89 13.08 -10.89 -11.78
CA LEU E 89 12.09 -11.69 -11.04
C LEU E 89 11.68 -11.01 -9.75
N ALA E 90 12.65 -10.47 -9.00
CA ALA E 90 12.31 -9.77 -7.77
C ALA E 90 11.39 -8.60 -8.05
N ARG E 91 11.67 -7.85 -9.13
CA ARG E 91 10.82 -6.71 -9.47
C ARG E 91 9.44 -7.16 -9.92
N ARG E 92 9.37 -8.26 -10.67
CA ARG E 92 8.08 -8.78 -11.14
C ARG E 92 7.21 -9.20 -9.96
N ILE E 93 7.78 -9.88 -8.98
CA ILE E 93 6.97 -10.36 -7.86
C ILE E 93 6.66 -9.24 -6.88
N ARG E 94 7.48 -8.18 -6.88
CA ARG E 94 7.18 -7.00 -6.07
C ARG E 94 6.06 -6.16 -6.66
N GLY E 95 5.68 -6.43 -7.91
CA GLY E 95 4.71 -5.60 -8.59
C GLY E 95 5.29 -4.39 -9.28
N GLU E 96 6.62 -4.25 -9.29
CA GLU E 96 7.25 -3.12 -9.96
C GLU E 96 7.38 -3.35 -11.46
N ARG E 97 7.40 -4.61 -11.88
CA ARG E 97 7.58 -4.99 -13.27
C ARG E 97 6.31 -5.68 -13.75
N ALA E 98 5.86 -5.30 -14.95
CA ALA E 98 4.65 -5.88 -15.52
C ALA E 98 4.88 -7.35 -15.87
N ARG F 1 27.61 27.17 -15.88
CA ARG F 1 27.76 25.70 -15.79
C ARG F 1 26.83 25.01 -16.80
N LYS F 2 27.38 24.05 -17.53
CA LYS F 2 26.64 23.39 -18.60
C LYS F 2 25.53 22.52 -18.03
N VAL F 3 24.51 22.27 -18.87
CA VAL F 3 23.36 21.48 -18.44
C VAL F 3 23.75 20.01 -18.33
N LEU F 4 23.22 19.34 -17.30
CA LEU F 4 23.67 18.00 -16.96
C LEU F 4 23.15 16.97 -17.95
N ARG F 5 23.98 15.99 -18.28
CA ARG F 5 23.57 14.86 -19.11
C ARG F 5 24.47 13.66 -18.79
N ASP F 6 23.89 12.46 -18.91
CA ASP F 6 24.61 11.19 -18.74
C ASP F 6 25.24 11.08 -17.37
N ASN F 7 24.47 11.39 -16.32
CA ASN F 7 24.97 11.30 -14.96
C ASN F 7 24.60 9.99 -14.28
N ILE F 8 23.94 9.06 -14.99
CA ILE F 8 23.67 7.75 -14.41
C ILE F 8 24.95 6.96 -14.27
N GLN F 9 25.91 7.17 -15.19
CA GLN F 9 27.18 6.46 -15.13
C GLN F 9 28.03 6.89 -13.95
N GLY F 10 27.66 7.96 -13.26
CA GLY F 10 28.30 8.33 -12.01
C GLY F 10 27.92 7.45 -10.84
N ILE F 11 26.89 6.62 -11.02
CA ILE F 11 26.61 5.54 -10.07
C ILE F 11 27.54 4.41 -10.47
N THR F 12 28.74 4.43 -9.90
CA THR F 12 29.82 3.59 -10.40
C THR F 12 29.58 2.13 -10.07
N LYS F 13 30.35 1.27 -10.73
CA LYS F 13 30.34 -0.16 -10.41
C LYS F 13 30.69 -0.44 -8.97
N PRO F 14 31.76 0.14 -8.39
CA PRO F 14 32.02 -0.09 -6.97
C PRO F 14 30.90 0.36 -6.04
N ALA F 15 30.20 1.45 -6.35
CA ALA F 15 29.07 1.87 -5.51
C ALA F 15 27.95 0.84 -5.54
N ILE F 16 27.62 0.33 -6.73
CA ILE F 16 26.62 -0.71 -6.86
C ILE F 16 27.06 -1.96 -6.13
N ARG F 17 28.35 -2.28 -6.19
CA ARG F 17 28.86 -3.43 -5.46
C ARG F 17 28.70 -3.26 -3.97
N ARG F 18 28.96 -2.05 -3.46
CA ARG F 18 28.76 -1.79 -2.04
C ARG F 18 27.30 -1.96 -1.65
N LEU F 19 26.39 -1.44 -2.46
CA LEU F 19 24.97 -1.60 -2.18
C LEU F 19 24.58 -3.07 -2.19
N ALA F 20 25.21 -3.86 -3.06
CA ALA F 20 24.95 -5.29 -3.09
C ALA F 20 25.51 -5.99 -1.87
N ARG F 21 26.70 -5.58 -1.41
CA ARG F 21 27.29 -6.15 -0.20
C ARG F 21 26.42 -5.87 1.02
N ARG F 22 25.87 -4.66 1.11
CA ARG F 22 24.94 -4.37 2.19
C ARG F 22 23.67 -5.20 2.07
N GLY F 23 23.32 -5.61 0.85
CA GLY F 23 22.21 -6.52 0.65
C GLY F 23 22.55 -7.98 0.84
N GLY F 24 23.80 -8.29 1.13
CA GLY F 24 24.23 -9.66 1.39
C GLY F 24 24.62 -10.43 0.16
N VAL F 25 24.92 -9.76 -0.95
CA VAL F 25 25.26 -10.44 -2.19
C VAL F 25 26.74 -10.74 -2.20
N LYS F 26 27.09 -12.01 -2.37
CA LYS F 26 28.49 -12.43 -2.37
C LYS F 26 29.11 -12.29 -3.75
N ARG F 27 28.35 -12.54 -4.80
CA ARG F 27 28.89 -12.55 -6.16
C ARG F 27 27.92 -11.82 -7.08
N ILE F 28 28.47 -11.09 -8.06
CA ILE F 28 27.67 -10.19 -8.90
C ILE F 28 28.02 -10.45 -10.36
N SER F 29 27.00 -10.57 -11.19
CA SER F 29 27.20 -10.67 -12.63
C SER F 29 27.67 -9.32 -13.18
N GLY F 30 28.50 -9.37 -14.22
CA GLY F 30 28.98 -8.16 -14.84
C GLY F 30 27.87 -7.32 -15.45
N LEU F 31 26.71 -7.92 -15.70
CA LEU F 31 25.58 -7.22 -16.30
C LEU F 31 24.66 -6.61 -15.25
N ILE F 32 25.00 -6.73 -13.97
CA ILE F 32 24.12 -6.24 -12.91
C ILE F 32 24.21 -4.73 -12.77
N TYR F 33 25.30 -4.13 -13.23
CA TYR F 33 25.51 -2.71 -12.98
C TYR F 33 24.63 -1.86 -13.88
N GLU F 34 24.47 -2.25 -15.15
CA GLU F 34 23.57 -1.51 -16.04
C GLU F 34 22.12 -1.76 -15.69
N GLU F 35 21.78 -2.99 -15.32
CA GLU F 35 20.44 -3.28 -14.81
C GLU F 35 20.14 -2.45 -13.58
N THR F 36 21.09 -2.35 -12.65
CA THR F 36 20.91 -1.56 -11.45
C THR F 36 20.74 -0.09 -11.78
N ARG F 37 21.51 0.42 -12.74
CA ARG F 37 21.37 1.81 -13.13
C ARG F 37 20.00 2.09 -13.72
N GLY F 38 19.48 1.17 -14.54
CA GLY F 38 18.14 1.35 -15.07
C GLY F 38 17.08 1.35 -13.99
N VAL F 39 17.16 0.40 -13.05
CA VAL F 39 16.19 0.31 -11.97
C VAL F 39 16.24 1.56 -11.10
N LEU F 40 17.44 2.02 -10.76
CA LEU F 40 17.59 3.24 -9.98
C LEU F 40 17.02 4.44 -10.72
N LYS F 41 17.26 4.54 -12.02
CA LYS F 41 16.76 5.68 -12.77
C LYS F 41 15.24 5.68 -12.80
N VAL F 42 14.62 4.50 -12.92
CA VAL F 42 13.16 4.44 -12.91
C VAL F 42 12.63 4.84 -11.53
N PHE F 43 13.25 4.36 -10.46
CA PHE F 43 12.81 4.72 -9.12
C PHE F 43 12.91 6.22 -8.91
N LEU F 44 14.04 6.81 -9.31
CA LEU F 44 14.25 8.23 -9.13
C LEU F 44 13.29 9.04 -9.98
N GLU F 45 13.04 8.62 -11.21
CA GLU F 45 12.05 9.31 -12.05
C GLU F 45 10.70 9.33 -11.37
N ASN F 46 10.26 8.17 -10.87
CA ASN F 46 8.94 8.09 -10.24
C ASN F 46 8.87 9.01 -9.02
N VAL F 47 9.90 8.98 -8.18
CA VAL F 47 9.84 9.78 -6.95
C VAL F 47 9.95 11.27 -7.26
N ILE F 48 10.85 11.64 -8.17
CA ILE F 48 11.07 13.05 -8.46
C ILE F 48 9.89 13.64 -9.20
N ARG F 49 9.18 12.83 -10.00
CA ARG F 49 7.98 13.33 -10.64
C ARG F 49 6.96 13.79 -9.61
N ASP F 50 6.71 12.98 -8.60
CA ASP F 50 5.77 13.37 -7.54
C ASP F 50 6.32 14.51 -6.70
N ALA F 51 7.63 14.50 -6.44
CA ALA F 51 8.22 15.58 -5.66
C ALA F 51 8.07 16.92 -6.37
N VAL F 52 8.28 16.94 -7.68
CA VAL F 52 8.12 18.16 -8.45
C VAL F 52 6.65 18.52 -8.59
N THR F 53 5.75 17.54 -8.63
CA THR F 53 4.33 17.87 -8.65
C THR F 53 3.93 18.57 -7.35
N TYR F 54 4.42 18.07 -6.22
CA TYR F 54 4.19 18.73 -4.94
C TYR F 54 4.82 20.11 -4.90
N THR F 55 6.03 20.25 -5.46
CA THR F 55 6.69 21.55 -5.51
C THR F 55 5.91 22.54 -6.34
N GLU F 56 5.39 22.10 -7.48
CA GLU F 56 4.66 22.97 -8.39
C GLU F 56 3.31 23.37 -7.81
N HIS F 57 2.64 22.46 -7.12
CA HIS F 57 1.38 22.82 -6.48
C HIS F 57 1.57 23.95 -5.47
N ALA F 58 2.64 23.88 -4.69
CA ALA F 58 2.95 24.92 -3.73
C ALA F 58 3.46 26.20 -4.37
N LYS F 59 3.54 26.25 -5.70
CA LYS F 59 4.00 27.42 -6.42
C LYS F 59 5.43 27.79 -6.05
N ARG F 60 6.22 26.79 -5.66
CA ARG F 60 7.62 27.00 -5.33
C ARG F 60 8.50 26.59 -6.49
N LYS F 61 9.75 27.06 -6.44
CA LYS F 61 10.75 26.67 -7.41
C LYS F 61 11.81 25.76 -6.81
N THR F 62 11.86 25.66 -5.48
CA THR F 62 12.78 24.78 -4.79
C THR F 62 12.06 23.52 -4.36
N VAL F 63 12.67 22.37 -4.63
CA VAL F 63 12.14 21.11 -4.14
C VAL F 63 12.68 20.91 -2.72
N THR F 64 11.78 20.81 -1.76
CA THR F 64 12.15 20.69 -0.35
C THR F 64 12.06 19.24 0.10
N ALA F 65 12.65 18.96 1.26
CA ALA F 65 12.65 17.60 1.78
C ALA F 65 11.24 17.09 2.04
N MET F 66 10.31 17.98 2.38
CA MET F 66 8.94 17.54 2.60
C MET F 66 8.29 17.06 1.32
N ASP F 67 8.61 17.68 0.19
CA ASP F 67 8.07 17.20 -1.08
C ASP F 67 8.54 15.80 -1.37
N VAL F 68 9.82 15.52 -1.11
CA VAL F 68 10.35 14.17 -1.31
C VAL F 68 9.69 13.20 -0.33
N VAL F 69 9.52 13.62 0.92
CA VAL F 69 8.91 12.73 1.92
C VAL F 69 7.47 12.41 1.52
N TYR F 70 6.73 13.40 1.01
CA TYR F 70 5.37 13.17 0.55
C TYR F 70 5.34 12.27 -0.68
N ALA F 71 6.26 12.48 -1.61
CA ALA F 71 6.32 11.65 -2.81
C ALA F 71 6.63 10.21 -2.47
N LEU F 72 7.53 9.98 -1.52
CA LEU F 72 7.84 8.63 -1.08
C LEU F 72 6.65 8.00 -0.36
N LYS F 73 6.11 8.71 0.62
CA LYS F 73 4.95 8.21 1.34
C LYS F 73 3.80 7.91 0.40
N ARG F 74 3.65 8.71 -0.65
CA ARG F 74 2.61 8.46 -1.63
C ARG F 74 2.83 7.14 -2.35
N GLN F 75 4.08 6.70 -2.43
CA GLN F 75 4.45 5.45 -3.10
C GLN F 75 4.62 4.29 -2.15
N GLY F 76 4.23 4.45 -0.89
CA GLY F 76 4.43 3.38 0.08
C GLY F 76 5.86 3.16 0.47
N ARG F 77 6.68 4.19 0.44
CA ARG F 77 8.08 4.13 0.82
C ARG F 77 8.41 5.16 1.88
N THR F 78 7.58 5.22 2.92
CA THR F 78 7.73 6.19 4.00
C THR F 78 9.17 6.27 4.49
N LEU F 79 9.63 7.49 4.71
CA LEU F 79 10.99 7.76 5.16
C LEU F 79 10.95 8.57 6.44
N TYR F 80 11.74 8.16 7.43
CA TYR F 80 11.85 8.87 8.70
C TYR F 80 13.18 9.61 8.76
N GLY F 81 13.18 10.74 9.45
CA GLY F 81 14.39 11.50 9.66
C GLY F 81 14.58 12.72 8.79
N PHE F 82 13.57 13.12 8.03
CA PHE F 82 13.66 14.31 7.18
C PHE F 82 12.45 15.22 7.29
N GLY F 83 11.54 14.95 8.21
CA GLY F 83 10.34 15.75 8.35
C GLY F 83 9.12 14.86 8.44
N GLY F 84 8.07 15.43 9.01
CA GLY F 84 6.90 14.67 9.38
C GLY F 84 6.86 14.49 10.89
N ARG G 1 -37.16 34.30 -10.10
CA ARG G 1 -36.49 32.97 -10.03
C ARG G 1 -36.25 32.41 -11.42
N ALA G 2 -35.01 32.43 -11.87
CA ALA G 2 -34.64 31.73 -13.09
C ALA G 2 -34.78 30.23 -12.88
N LYS G 3 -35.29 29.54 -13.90
CA LYS G 3 -35.49 28.11 -13.82
C LYS G 3 -34.17 27.39 -13.62
N ALA G 4 -34.19 26.36 -12.78
CA ALA G 4 -32.96 25.68 -12.39
C ALA G 4 -32.24 25.09 -13.60
N LYS G 5 -30.93 25.24 -13.62
CA LYS G 5 -30.05 24.57 -14.57
C LYS G 5 -29.02 23.79 -13.78
N THR G 6 -28.91 22.50 -14.05
CA THR G 6 -27.94 21.69 -13.33
C THR G 6 -26.53 22.17 -13.61
N ARG G 7 -25.66 22.01 -12.64
CA ARG G 7 -24.26 22.37 -12.83
C ARG G 7 -23.56 21.41 -13.78
N SER G 8 -24.04 20.16 -13.87
CA SER G 8 -23.51 19.24 -14.87
C SER G 8 -23.78 19.74 -16.27
N SER G 9 -24.99 20.23 -16.53
CA SER G 9 -25.29 20.75 -17.86
C SER G 9 -24.50 22.02 -18.15
N ARG G 10 -24.24 22.84 -17.12
CA ARG G 10 -23.38 24.00 -17.32
C ARG G 10 -21.97 23.55 -17.71
N ALA G 11 -21.44 22.54 -17.02
CA ALA G 11 -20.12 22.00 -17.34
C ALA G 11 -20.14 21.12 -18.57
N GLY G 12 -21.31 20.76 -19.08
CA GLY G 12 -21.41 19.82 -20.17
C GLY G 12 -21.02 18.41 -19.80
N LEU G 13 -21.42 17.94 -18.63
CA LEU G 13 -21.07 16.62 -18.13
C LEU G 13 -22.31 15.76 -17.97
N GLN G 14 -22.09 14.46 -17.85
CA GLN G 14 -23.13 13.52 -17.49
C GLN G 14 -23.12 13.21 -16.00
N PHE G 15 -21.94 13.23 -15.39
CA PHE G 15 -21.82 12.92 -13.98
C PHE G 15 -22.37 14.06 -13.13
N PRO G 16 -22.79 13.78 -11.90
CA PRO G 16 -23.50 14.78 -11.10
C PRO G 16 -22.57 15.74 -10.38
N VAL G 17 -22.54 17.00 -10.80
CA VAL G 17 -21.65 17.96 -10.15
C VAL G 17 -22.16 18.30 -8.75
N GLY G 18 -23.47 18.44 -8.59
CA GLY G 18 -24.02 18.77 -7.29
C GLY G 18 -23.84 17.67 -6.27
N ARG G 19 -24.06 16.42 -6.66
CA ARG G 19 -23.82 15.30 -5.76
C ARG G 19 -22.34 15.21 -5.40
N VAL G 20 -21.46 15.40 -6.38
CA VAL G 20 -20.03 15.34 -6.11
C VAL G 20 -19.62 16.44 -5.15
N HIS G 21 -20.21 17.62 -5.29
CA HIS G 21 -19.94 18.70 -4.36
C HIS G 21 -20.42 18.35 -2.96
N ARG G 22 -21.61 17.76 -2.86
CA ARG G 22 -22.14 17.38 -1.55
C ARG G 22 -21.31 16.27 -0.91
N LEU G 23 -20.76 15.37 -1.73
CA LEU G 23 -19.95 14.27 -1.19
C LEU G 23 -18.57 14.77 -0.78
N LEU G 24 -18.04 15.77 -1.48
CA LEU G 24 -16.81 16.41 -1.04
C LEU G 24 -17.01 17.15 0.27
N ARG G 25 -18.13 17.87 0.41
CA ARG G 25 -18.41 18.59 1.63
C ARG G 25 -18.66 17.63 2.80
N LYS G 26 -19.24 16.47 2.52
CA LYS G 26 -19.64 15.55 3.57
C LYS G 26 -18.54 14.57 3.96
N GLY G 27 -17.46 14.50 3.20
CA GLY G 27 -16.40 13.57 3.47
C GLY G 27 -15.33 14.07 4.41
N ASN G 28 -15.47 15.27 4.94
CA ASN G 28 -14.48 15.85 5.84
C ASN G 28 -13.12 15.93 5.16
N TYR G 29 -13.12 16.22 3.87
CA TYR G 29 -11.88 16.34 3.12
C TYR G 29 -11.19 17.67 3.40
N SER G 30 -11.97 18.71 3.67
CA SER G 30 -11.41 20.01 4.02
C SER G 30 -12.53 20.86 4.60
N GLU G 31 -12.13 22.00 5.17
CA GLU G 31 -13.12 22.92 5.73
C GLU G 31 -14.02 23.49 4.65
N ARG G 32 -13.48 23.76 3.46
CA ARG G 32 -14.22 24.39 2.38
C ARG G 32 -13.98 23.63 1.09
N VAL G 33 -14.90 23.77 0.14
CA VAL G 33 -14.80 23.16 -1.17
C VAL G 33 -15.13 24.23 -2.21
N GLY G 34 -14.24 24.42 -3.17
CA GLY G 34 -14.45 25.42 -4.19
C GLY G 34 -15.53 25.05 -5.18
N ALA G 35 -15.97 26.04 -5.96
CA ALA G 35 -17.03 25.82 -6.92
C ALA G 35 -16.58 24.93 -8.08
N GLY G 36 -15.32 25.06 -8.50
CA GLY G 36 -14.81 24.25 -9.59
C GLY G 36 -14.26 22.91 -9.19
N ALA G 37 -14.09 22.66 -7.90
CA ALA G 37 -13.63 21.34 -7.46
C ALA G 37 -14.62 20.22 -7.81
N PRO G 38 -15.92 20.34 -7.52
CA PRO G 38 -16.85 19.30 -7.94
C PRO G 38 -16.94 19.14 -9.45
N VAL G 39 -16.81 20.25 -10.18
CA VAL G 39 -16.87 20.19 -11.64
C VAL G 39 -15.66 19.44 -12.19
N TYR G 40 -14.48 19.76 -11.66
CA TYR G 40 -13.25 19.07 -12.07
C TYR G 40 -13.32 17.58 -11.73
N LEU G 41 -13.78 17.26 -10.52
CA LEU G 41 -13.81 15.86 -10.10
C LEU G 41 -14.85 15.09 -10.90
N ALA G 42 -16.01 15.67 -11.18
CA ALA G 42 -17.00 15.02 -12.01
C ALA G 42 -16.47 14.80 -13.43
N ALA G 43 -15.75 15.79 -13.96
CA ALA G 43 -15.18 15.62 -15.29
C ALA G 43 -14.15 14.50 -15.33
N VAL G 44 -13.31 14.40 -14.32
CA VAL G 44 -12.30 13.35 -14.29
C VAL G 44 -12.95 11.98 -14.11
N LEU G 45 -13.93 11.87 -13.20
CA LEU G 45 -14.61 10.60 -13.00
C LEU G 45 -15.34 10.17 -14.25
N GLU G 46 -15.99 11.11 -14.95
CA GLU G 46 -16.65 10.79 -16.20
C GLU G 46 -15.66 10.35 -17.26
N TYR G 47 -14.51 11.02 -17.34
CA TYR G 47 -13.48 10.62 -18.30
C TYR G 47 -13.02 9.19 -18.06
N LEU G 48 -12.73 8.86 -16.80
CA LEU G 48 -12.24 7.53 -16.49
C LEU G 48 -13.32 6.48 -16.73
N THR G 49 -14.56 6.79 -16.37
CA THR G 49 -15.67 5.89 -16.63
C THR G 49 -15.83 5.63 -18.11
N ALA G 50 -15.77 6.69 -18.93
CA ALA G 50 -15.91 6.54 -20.37
C ALA G 50 -14.76 5.73 -20.95
N GLU G 51 -13.55 5.91 -20.44
CA GLU G 51 -12.41 5.12 -20.91
C GLU G 51 -12.63 3.64 -20.63
N ILE G 52 -12.94 3.30 -19.38
CA ILE G 52 -13.14 1.90 -19.03
C ILE G 52 -14.30 1.31 -19.82
N LEU G 53 -15.36 2.08 -20.00
CA LEU G 53 -16.54 1.56 -20.69
C LEU G 53 -16.30 1.41 -22.19
N GLU G 54 -15.52 2.30 -22.79
CA GLU G 54 -15.08 2.09 -24.17
C GLU G 54 -14.36 0.77 -24.32
N LEU G 55 -13.36 0.53 -23.47
CA LEU G 55 -12.58 -0.68 -23.60
C LEU G 55 -13.42 -1.91 -23.30
N ALA G 56 -14.31 -1.83 -22.31
CA ALA G 56 -15.16 -2.95 -21.95
C ALA G 56 -16.20 -3.25 -23.02
N GLY G 57 -16.75 -2.23 -23.67
CA GLY G 57 -17.63 -2.47 -24.79
C GLY G 57 -16.92 -3.05 -25.98
N ASN G 58 -15.66 -2.66 -26.20
CA ASN G 58 -14.86 -3.32 -27.23
C ASN G 58 -14.65 -4.79 -26.90
N ALA G 59 -14.36 -5.09 -25.63
CA ALA G 59 -14.21 -6.49 -25.22
C ALA G 59 -15.52 -7.25 -25.38
N ALA G 60 -16.64 -6.64 -25.03
CA ALA G 60 -17.93 -7.28 -25.22
C ALA G 60 -18.20 -7.54 -26.69
N ARG G 61 -17.83 -6.61 -27.56
CA ARG G 61 -18.00 -6.82 -28.99
C ARG G 61 -17.11 -7.96 -29.49
N ASP G 62 -15.88 -8.06 -28.97
CA ASP G 62 -15.00 -9.15 -29.37
C ASP G 62 -15.61 -10.50 -29.03
N ASN G 63 -16.18 -10.64 -27.83
CA ASN G 63 -16.81 -11.88 -27.40
C ASN G 63 -18.23 -12.04 -27.93
N LYS G 64 -18.63 -11.23 -28.90
CA LYS G 64 -19.93 -11.33 -29.56
C LYS G 64 -21.10 -11.08 -28.61
N LYS G 65 -20.83 -10.50 -27.44
CA LYS G 65 -21.89 -10.13 -26.50
C LYS G 65 -22.28 -8.68 -26.72
N THR G 66 -23.56 -8.39 -26.50
CA THR G 66 -24.07 -7.03 -26.60
C THR G 66 -24.28 -6.40 -25.24
N ARG G 67 -23.71 -6.97 -24.18
CA ARG G 67 -23.89 -6.49 -22.82
C ARG G 67 -22.60 -6.69 -22.05
N ILE G 68 -22.15 -5.64 -21.37
CA ILE G 68 -20.89 -5.71 -20.63
C ILE G 68 -21.11 -6.51 -19.36
N ILE G 69 -20.14 -7.37 -19.04
CA ILE G 69 -20.17 -8.15 -17.80
C ILE G 69 -18.82 -7.93 -17.11
N PRO G 70 -18.69 -8.38 -15.86
CA PRO G 70 -17.42 -8.17 -15.14
C PRO G 70 -16.21 -8.74 -15.86
N ARG G 71 -16.38 -9.83 -16.61
CA ARG G 71 -15.29 -10.39 -17.40
C ARG G 71 -14.75 -9.36 -18.40
N HIS G 72 -15.66 -8.63 -19.04
CA HIS G 72 -15.24 -7.65 -20.04
C HIS G 72 -14.55 -6.46 -19.38
N LEU G 73 -15.02 -6.05 -18.21
CA LEU G 73 -14.33 -5.01 -17.45
C LEU G 73 -12.92 -5.46 -17.09
N GLN G 74 -12.77 -6.71 -16.66
CA GLN G 74 -11.44 -7.24 -16.34
C GLN G 74 -10.55 -7.26 -17.58
N LEU G 75 -11.08 -7.72 -18.70
CA LEU G 75 -10.29 -7.77 -19.92
C LEU G 75 -9.83 -6.38 -20.32
N ALA G 76 -10.73 -5.41 -20.26
CA ALA G 76 -10.38 -4.03 -20.59
C ALA G 76 -9.32 -3.48 -19.65
N ILE G 77 -9.48 -3.70 -18.34
CA ILE G 77 -8.52 -3.16 -17.38
C ILE G 77 -7.15 -3.76 -17.59
N ARG G 78 -7.07 -5.09 -17.71
CA ARG G 78 -5.78 -5.76 -17.73
C ARG G 78 -5.11 -5.70 -19.09
N ASN G 79 -5.84 -5.46 -20.17
CA ASN G 79 -5.22 -5.27 -21.46
C ASN G 79 -4.78 -3.83 -21.70
N ASP G 80 -5.13 -2.92 -20.81
CA ASP G 80 -4.69 -1.54 -20.91
C ASP G 80 -3.60 -1.29 -19.88
N GLU G 81 -2.43 -0.83 -20.35
CA GLU G 81 -1.29 -0.66 -19.47
C GLU G 81 -1.58 0.37 -18.37
N GLU G 82 -2.21 1.48 -18.75
CA GLU G 82 -2.45 2.56 -17.80
C GLU G 82 -3.58 2.24 -16.83
N LEU G 83 -4.67 1.63 -17.31
CA LEU G 83 -5.73 1.22 -16.41
C LEU G 83 -5.27 0.09 -15.50
N ASN G 84 -4.47 -0.84 -16.03
CA ASN G 84 -3.89 -1.86 -15.18
C ASN G 84 -2.98 -1.26 -14.12
N LYS G 85 -2.23 -0.21 -14.44
CA LYS G 85 -1.44 0.48 -13.43
C LYS G 85 -2.36 1.12 -12.39
N LEU G 86 -3.41 1.80 -12.85
CA LEU G 86 -4.33 2.48 -11.94
C LEU G 86 -5.04 1.47 -11.03
N LEU G 87 -5.46 0.34 -11.58
CA LEU G 87 -6.21 -0.67 -10.86
C LEU G 87 -5.39 -1.93 -10.65
N GLY G 88 -4.11 -1.77 -10.30
CA GLY G 88 -3.24 -2.92 -10.14
C GLY G 88 -3.46 -3.68 -8.85
N ARG G 89 -3.91 -3.00 -7.80
CA ARG G 89 -4.23 -3.62 -6.53
C ARG G 89 -5.73 -3.85 -6.35
N VAL G 90 -6.50 -3.87 -7.43
CA VAL G 90 -7.95 -4.02 -7.37
C VAL G 90 -8.32 -5.40 -7.86
N THR G 91 -9.24 -6.04 -7.15
CA THR G 91 -9.82 -7.31 -7.55
C THR G 91 -11.23 -7.04 -8.09
N ILE G 92 -11.51 -7.55 -9.28
CA ILE G 92 -12.83 -7.43 -9.89
C ILE G 92 -13.53 -8.77 -9.72
N ALA G 93 -14.63 -8.77 -8.98
CA ALA G 93 -15.34 -10.01 -8.71
C ALA G 93 -15.96 -10.57 -9.98
N GLN G 94 -15.70 -11.86 -10.23
CA GLN G 94 -16.16 -12.58 -11.41
C GLN G 94 -15.55 -12.05 -12.70
N GLY G 95 -14.33 -11.51 -12.64
CA GLY G 95 -13.67 -11.03 -13.83
C GLY G 95 -12.69 -12.02 -14.42
N GLY G 96 -12.20 -12.95 -13.62
CA GLY G 96 -11.26 -13.93 -14.12
C GLY G 96 -9.85 -13.38 -14.22
N VAL G 97 -9.07 -13.97 -15.13
CA VAL G 97 -7.70 -13.59 -15.40
C VAL G 97 -7.51 -13.48 -16.91
N LEU G 98 -6.42 -12.84 -17.30
CA LEU G 98 -6.06 -12.84 -18.71
C LEU G 98 -5.48 -14.19 -19.10
N PRO G 99 -5.91 -14.77 -20.23
CA PRO G 99 -5.22 -15.96 -20.74
C PRO G 99 -3.75 -15.72 -20.99
N ASN G 100 -2.89 -16.47 -20.28
CA ASN G 100 -1.44 -16.29 -20.42
C ASN G 100 -0.77 -17.57 -19.95
N ILE G 101 -0.21 -18.34 -20.88
CA ILE G 101 0.61 -19.51 -20.58
C ILE G 101 2.06 -19.16 -20.88
N GLN G 102 2.93 -19.42 -19.92
CA GLN G 102 4.36 -19.16 -20.13
C GLN G 102 4.88 -20.02 -21.27
N ALA G 103 5.70 -19.41 -22.12
CA ALA G 103 6.17 -20.11 -23.31
C ALA G 103 6.94 -21.37 -22.97
N VAL G 104 7.55 -21.41 -21.78
CA VAL G 104 8.34 -22.57 -21.38
C VAL G 104 7.45 -23.78 -21.23
N LEU G 105 6.17 -23.57 -20.92
CA LEU G 105 5.25 -24.66 -20.61
C LEU G 105 4.61 -25.27 -21.83
N LEU G 106 4.73 -24.65 -22.99
CA LEU G 106 4.08 -25.16 -24.18
C LEU G 106 4.83 -26.37 -24.72
N PRO G 107 4.16 -27.24 -25.47
CA PRO G 107 4.83 -28.42 -26.04
C PRO G 107 5.96 -28.02 -26.97
N LYS G 108 7.03 -28.80 -26.95
CA LYS G 108 8.16 -28.61 -27.85
C LYS G 108 7.73 -28.88 -29.30
N THR H 1 -36.24 7.11 -2.36
CA THR H 1 -34.81 7.48 -2.34
C THR H 1 -34.17 7.09 -1.01
N ARG H 2 -33.54 5.92 -0.97
CA ARG H 2 -32.82 5.48 0.22
C ARG H 2 -31.34 5.30 -0.09
N LYS H 3 -31.03 4.59 -1.16
CA LYS H 3 -29.65 4.45 -1.60
C LYS H 3 -29.36 5.44 -2.73
N GLU H 4 -28.09 5.56 -3.07
CA GLU H 4 -27.66 6.38 -4.19
C GLU H 4 -26.48 5.72 -4.86
N SER H 5 -26.41 5.85 -6.18
CA SER H 5 -25.38 5.19 -6.97
C SER H 5 -25.12 6.01 -8.22
N TYR H 6 -24.08 5.61 -8.94
CA TYR H 6 -23.72 6.26 -10.19
C TYR H 6 -24.33 5.57 -11.40
N SER H 7 -25.19 4.57 -11.19
CA SER H 7 -25.71 3.78 -12.29
C SER H 7 -26.31 4.65 -13.39
N ILE H 8 -27.07 5.68 -13.01
CA ILE H 8 -27.70 6.54 -14.00
C ILE H 8 -26.64 7.19 -14.88
N TYR H 9 -25.58 7.69 -14.27
CA TYR H 9 -24.54 8.40 -15.00
C TYR H 9 -23.62 7.44 -15.74
N ILE H 10 -23.32 6.28 -15.15
CA ILE H 10 -22.56 5.27 -15.88
C ILE H 10 -23.30 4.87 -17.14
N TYR H 11 -24.62 4.75 -17.05
CA TYR H 11 -25.41 4.34 -18.21
C TYR H 11 -25.49 5.45 -19.25
N LYS H 12 -25.56 6.71 -18.82
CA LYS H 12 -25.47 7.81 -19.77
C LYS H 12 -24.13 7.79 -20.51
N VAL H 13 -23.03 7.60 -19.78
CA VAL H 13 -21.72 7.56 -20.42
C VAL H 13 -21.62 6.38 -21.36
N LEU H 14 -22.19 5.24 -20.98
CA LEU H 14 -22.17 4.06 -21.84
C LEU H 14 -22.94 4.31 -23.13
N LYS H 15 -24.14 4.88 -23.01
CA LYS H 15 -24.90 5.21 -24.20
C LYS H 15 -24.20 6.25 -25.07
N GLN H 16 -23.31 7.04 -24.47
CA GLN H 16 -22.48 7.93 -25.28
C GLN H 16 -21.41 7.14 -26.04
N VAL H 17 -20.58 6.38 -25.32
CA VAL H 17 -19.48 5.68 -25.98
C VAL H 17 -19.99 4.53 -26.83
N HIS H 18 -20.92 3.74 -26.31
CA HIS H 18 -21.44 2.57 -27.00
C HIS H 18 -22.96 2.64 -27.00
N PRO H 19 -23.56 3.21 -28.04
CA PRO H 19 -25.03 3.31 -28.08
C PRO H 19 -25.76 1.99 -27.97
N ASP H 20 -25.26 0.93 -28.62
CA ASP H 20 -26.00 -0.32 -28.69
C ASP H 20 -25.58 -1.34 -27.65
N THR H 21 -24.64 -1.00 -26.77
CA THR H 21 -24.18 -1.89 -25.73
C THR H 21 -24.95 -1.65 -24.45
N GLY H 22 -25.25 -2.73 -23.74
CA GLY H 22 -25.82 -2.67 -22.41
C GLY H 22 -24.76 -2.92 -21.35
N ILE H 23 -25.23 -3.22 -20.15
CA ILE H 23 -24.34 -3.53 -19.04
C ILE H 23 -25.09 -4.42 -18.05
N SER H 24 -24.38 -5.41 -17.51
CA SER H 24 -24.94 -6.29 -16.51
C SER H 24 -25.08 -5.58 -15.17
N SER H 25 -25.87 -6.16 -14.28
CA SER H 25 -26.01 -5.59 -12.95
C SER H 25 -24.72 -5.73 -12.14
N LYS H 26 -24.02 -6.84 -12.30
CA LYS H 26 -22.74 -7.01 -11.62
C LYS H 26 -21.68 -6.10 -12.21
N ALA H 27 -21.70 -5.91 -13.52
CA ALA H 27 -20.79 -4.96 -14.15
C ALA H 27 -21.08 -3.54 -13.68
N MET H 28 -22.35 -3.19 -13.55
CA MET H 28 -22.72 -1.88 -13.01
C MET H 28 -22.27 -1.73 -11.56
N SER H 29 -22.38 -2.80 -10.78
CA SER H 29 -21.87 -2.75 -9.42
C SER H 29 -20.37 -2.51 -9.38
N ILE H 30 -19.61 -3.19 -10.25
CA ILE H 30 -18.18 -2.97 -10.32
C ILE H 30 -17.86 -1.54 -10.73
N MET H 31 -18.62 -1.01 -11.69
CA MET H 31 -18.39 0.37 -12.12
C MET H 31 -18.68 1.37 -11.01
N ASN H 32 -19.71 1.11 -10.21
CA ASN H 32 -19.98 1.94 -9.04
C ASN H 32 -18.82 1.88 -8.05
N SER H 33 -18.33 0.68 -7.76
CA SER H 33 -17.19 0.55 -6.88
C SER H 33 -16.00 1.30 -7.43
N PHE H 34 -15.80 1.26 -8.74
CA PHE H 34 -14.69 1.96 -9.37
C PHE H 34 -14.81 3.46 -9.18
N VAL H 35 -15.98 4.02 -9.46
CA VAL H 35 -16.15 5.47 -9.35
C VAL H 35 -15.98 5.91 -7.90
N THR H 36 -16.55 5.15 -6.97
CA THR H 36 -16.40 5.50 -5.56
C THR H 36 -14.95 5.41 -5.11
N ASP H 37 -14.23 4.39 -5.58
CA ASP H 37 -12.83 4.21 -5.19
C ASP H 37 -11.95 5.34 -5.74
N ILE H 38 -12.17 5.72 -6.99
CA ILE H 38 -11.39 6.80 -7.58
C ILE H 38 -11.74 8.14 -6.96
N PHE H 39 -13.02 8.35 -6.64
CA PHE H 39 -13.40 9.56 -5.92
C PHE H 39 -12.69 9.63 -4.58
N GLU H 40 -12.66 8.51 -3.86
CA GLU H 40 -11.97 8.48 -2.58
C GLU H 40 -10.50 8.82 -2.74
N ARG H 41 -9.85 8.23 -3.75
CA ARG H 41 -8.43 8.49 -3.96
C ARG H 41 -8.17 9.97 -4.23
N ILE H 42 -8.87 10.54 -5.20
CA ILE H 42 -8.62 11.92 -5.60
C ILE H 42 -8.97 12.86 -4.46
N ALA H 43 -10.11 12.63 -3.79
CA ALA H 43 -10.53 13.50 -2.71
C ALA H 43 -9.56 13.44 -1.54
N SER H 44 -9.08 12.25 -1.20
CA SER H 44 -8.10 12.13 -0.13
C SER H 44 -6.79 12.82 -0.46
N GLU H 45 -6.32 12.66 -1.70
CA GLU H 45 -5.08 13.33 -2.08
C GLU H 45 -5.26 14.84 -2.10
N ALA H 46 -6.40 15.33 -2.55
CA ALA H 46 -6.67 16.77 -2.52
C ALA H 46 -6.74 17.28 -1.10
N SER H 47 -7.34 16.51 -0.20
CA SER H 47 -7.37 16.88 1.21
C SER H 47 -5.96 17.00 1.78
N ARG H 48 -5.12 16.02 1.47
CA ARG H 48 -3.74 16.08 1.93
C ARG H 48 -2.99 17.25 1.31
N LEU H 49 -3.24 17.55 0.04
CA LEU H 49 -2.59 18.69 -0.60
C LEU H 49 -2.98 19.99 0.08
N ALA H 50 -4.25 20.14 0.41
CA ALA H 50 -4.68 21.34 1.12
C ALA H 50 -4.07 21.41 2.51
N HIS H 51 -3.97 20.28 3.21
CA HIS H 51 -3.37 20.28 4.54
C HIS H 51 -1.89 20.63 4.48
N TYR H 52 -1.17 20.10 3.50
CA TYR H 52 0.26 20.36 3.37
C TYR H 52 0.53 21.84 3.18
N SER H 53 -0.23 22.48 2.31
CA SER H 53 -0.01 23.87 1.96
C SER H 53 -0.75 24.84 2.88
N LYS H 54 -1.41 24.32 3.92
CA LYS H 54 -2.05 25.15 4.94
C LYS H 54 -3.21 25.93 4.35
N ARG H 55 -4.03 25.25 3.56
CA ARG H 55 -5.20 25.83 2.90
C ARG H 55 -6.46 25.21 3.47
N SER H 56 -7.50 26.03 3.61
CA SER H 56 -8.78 25.54 4.10
C SER H 56 -9.62 24.93 2.99
N THR H 57 -9.40 25.36 1.75
CA THR H 57 -10.30 25.08 0.64
C THR H 57 -9.68 24.04 -0.27
N ILE H 58 -10.50 23.11 -0.74
CA ILE H 58 -10.14 22.24 -1.85
C ILE H 58 -10.67 22.91 -3.11
N SER H 59 -9.76 23.33 -3.98
CA SER H 59 -10.08 23.97 -5.24
C SER H 59 -9.89 22.98 -6.37
N SER H 60 -10.06 23.46 -7.60
CA SER H 60 -9.76 22.61 -8.74
C SER H 60 -8.25 22.47 -8.95
N ARG H 61 -7.44 23.33 -8.32
CA ARG H 61 -6.00 23.11 -8.34
C ARG H 61 -5.62 21.88 -7.53
N GLU H 62 -6.24 21.70 -6.37
CA GLU H 62 -5.99 20.51 -5.58
C GLU H 62 -6.45 19.26 -6.32
N ILE H 63 -7.61 19.33 -6.98
CA ILE H 63 -8.09 18.20 -7.75
C ILE H 63 -7.16 17.90 -8.92
N GLN H 64 -6.70 18.94 -9.60
CA GLN H 64 -5.79 18.74 -10.73
C GLN H 64 -4.48 18.11 -10.28
N THR H 65 -3.91 18.59 -9.18
CA THR H 65 -2.67 18.02 -8.68
C THR H 65 -2.89 16.59 -8.18
N ALA H 66 -4.05 16.32 -7.58
CA ALA H 66 -4.37 14.96 -7.15
C ALA H 66 -4.47 14.02 -8.35
N VAL H 67 -5.07 14.49 -9.43
CA VAL H 67 -5.14 13.70 -10.66
C VAL H 67 -3.73 13.44 -11.20
N ARG H 68 -2.90 14.49 -11.22
CA ARG H 68 -1.53 14.32 -11.70
C ARG H 68 -0.77 13.31 -10.85
N LEU H 69 -0.94 13.37 -9.53
CA LEU H 69 -0.23 12.45 -8.64
C LEU H 69 -0.75 11.02 -8.80
N LEU H 70 -2.05 10.86 -8.96
CA LEU H 70 -2.66 9.53 -8.89
C LEU H 70 -2.69 8.84 -10.24
N LEU H 71 -3.17 9.51 -11.28
CA LEU H 71 -3.33 8.82 -12.55
C LEU H 71 -1.97 8.64 -13.23
N PRO H 72 -1.80 7.58 -14.02
CA PRO H 72 -0.54 7.37 -14.71
C PRO H 72 -0.50 7.98 -16.11
N GLY H 73 0.66 8.53 -16.45
CA GLY H 73 0.98 8.89 -17.82
C GLY H 73 -0.08 9.62 -18.60
N GLU H 74 -0.62 8.95 -19.64
CA GLU H 74 -1.57 9.58 -20.54
C GLU H 74 -2.95 9.70 -19.92
N LEU H 75 -3.29 8.82 -18.99
CA LEU H 75 -4.53 9.01 -18.25
C LEU H 75 -4.55 10.34 -17.54
N ALA H 76 -3.44 10.71 -16.90
CA ALA H 76 -3.37 11.99 -16.21
C ALA H 76 -3.50 13.14 -17.18
N LYS H 77 -2.85 13.07 -18.34
CA LYS H 77 -2.92 14.16 -19.29
C LYS H 77 -4.34 14.36 -19.80
N HIS H 78 -5.02 13.27 -20.14
CA HIS H 78 -6.36 13.39 -20.71
C HIS H 78 -7.38 13.76 -19.64
N ALA H 79 -7.20 13.26 -18.41
CA ALA H 79 -8.07 13.66 -17.32
C ALA H 79 -7.91 15.13 -16.99
N VAL H 80 -6.67 15.63 -17.00
CA VAL H 80 -6.43 17.04 -16.75
C VAL H 80 -7.05 17.89 -17.86
N SER H 81 -6.91 17.45 -19.11
CA SER H 81 -7.54 18.17 -20.21
C SER H 81 -9.06 18.23 -20.03
N GLU H 82 -9.67 17.10 -19.69
CA GLU H 82 -11.12 17.07 -19.52
C GLU H 82 -11.58 17.93 -18.35
N GLY H 83 -10.85 17.88 -17.23
CA GLY H 83 -11.24 18.68 -16.08
C GLY H 83 -11.10 20.16 -16.32
N THR H 84 -9.99 20.58 -16.95
CA THR H 84 -9.82 21.99 -17.29
C THR H 84 -10.89 22.46 -18.26
N LYS H 85 -11.21 21.63 -19.26
CA LYS H 85 -12.26 21.98 -20.20
C LYS H 85 -13.60 22.12 -19.52
N ALA H 86 -13.91 21.20 -18.60
CA ALA H 86 -15.17 21.25 -17.88
C ALA H 86 -15.27 22.50 -17.03
N VAL H 87 -14.19 22.85 -16.33
CA VAL H 87 -14.24 24.03 -15.47
C VAL H 87 -14.35 25.30 -16.31
N THR H 88 -13.67 25.33 -17.46
CA THR H 88 -13.79 26.47 -18.35
C THR H 88 -15.23 26.63 -18.85
N LYS H 89 -15.86 25.54 -19.27
CA LYS H 89 -17.23 25.61 -19.75
C LYS H 89 -18.17 26.04 -18.63
N TYR H 90 -17.99 25.47 -17.44
CA TYR H 90 -18.81 25.82 -16.29
C TYR H 90 -18.69 27.30 -15.96
N THR H 91 -17.46 27.83 -15.97
CA THR H 91 -17.25 29.23 -15.64
C THR H 91 -17.83 30.16 -16.70
N SER H 92 -17.68 29.84 -17.98
CA SER H 92 -18.25 30.69 -19.01
C SER H 92 -19.75 30.84 -18.86
N SER H 93 -20.44 29.78 -18.44
CA SER H 93 -21.87 29.83 -18.20
C SER H 93 -22.17 30.67 -16.96
#